data_3OHT
#
_entry.id   3OHT
#
_cell.length_a   67.780
_cell.length_b   100.930
_cell.length_c   67.890
_cell.angle_alpha   90.00
_cell.angle_beta   98.15
_cell.angle_gamma   90.00
#
_symmetry.space_group_name_H-M   'P 1 21 1'
#
loop_
_entity.id
_entity.type
_entity.pdbx_description
1 polymer p38a
2 non-polymer N-(2-CHLORO-6-METHYLPHENYL)-2-({6-[4-(2-HYDROXYETHYL)PIPERAZIN-1-YL]-2-METHYLPYRIMIDIN-4-YL}AMINO)-1,3-THIAZOLE-5-CARBOXAMIDE
3 non-polymer 'SULFATE ION'
4 water water
#
_entity_poly.entity_id   1
_entity_poly.type   'polypeptide(L)'
_entity_poly.pdbx_seq_one_letter_code
;MSYYHHHHHHLESTSLYKKAGSAAAPFTMSHKERPTFYRQELNKTIWEVPERYQTLSPVGSGAYGSVCSSYDVKSGLKIA
VKKLSRPFQSIIHAKRTYRELRLLKHMKHENVIGLLDVFTPATSLEEFNDVYLVTHLMGADLNNIVKCQKLTDDHVQFLI
YQILRGLKYIHSADIIHRDLKPSNLAVNEDCELKILDFGLARHTDDEMTGYVATRWYRAPEIMLNWMHYNMTVDIWSVGC
IMAELLTGRTLFPGTDHINQLQQIMRLTGTPPASVISRMPSHEARNYINSLPQMPKRNFADVFIGANPLAVDLLEKMLVL
DTDKRITASEALAHPYFSQYHDPDDEPESEPYDQSFESRQLEIEEWKRLTYEEVCSFETPPFDGDEMES
;
_entity_poly.pdbx_strand_id   A,B
#
loop_
_chem_comp.id
_chem_comp.type
_chem_comp.name
_chem_comp.formula
1N1 non-polymer N-(2-CHLORO-6-METHYLPHENYL)-2-({6-[4-(2-HYDROXYETHYL)PIPERAZIN-1-YL]-2-METHYLPYRIMIDIN-4-YL}AMINO)-1,3-THIAZOLE-5-CARBOXAMIDE 'C22 H26 Cl N7 O2 S'
SO4 non-polymer 'SULFATE ION' 'O4 S -2'
#
# COMPACT_ATOMS: atom_id res chain seq x y z
N GLU A 33 8.27 32.45 -30.06
CA GLU A 33 9.37 32.03 -30.98
C GLU A 33 10.20 30.94 -30.34
N ARG A 34 10.61 29.95 -31.13
CA ARG A 34 11.38 28.82 -30.62
C ARG A 34 12.81 29.22 -30.31
N PRO A 35 13.23 29.06 -29.04
CA PRO A 35 14.61 29.36 -28.66
C PRO A 35 15.56 28.30 -29.22
N THR A 36 16.84 28.66 -29.35
CA THR A 36 17.84 27.65 -29.73
C THR A 36 17.76 26.51 -28.71
N PHE A 37 17.57 25.30 -29.21
CA PHE A 37 17.66 24.10 -28.39
C PHE A 37 19.05 23.52 -28.54
N TYR A 38 19.48 22.76 -27.54
CA TYR A 38 20.71 21.97 -27.68
C TYR A 38 20.52 20.56 -27.14
N ARG A 39 21.28 19.63 -27.73
CA ARG A 39 21.06 18.20 -27.58
C ARG A 39 22.22 17.49 -26.89
N GLN A 40 21.89 16.56 -26.01
CA GLN A 40 22.87 15.75 -25.28
C GLN A 40 22.27 14.45 -24.72
N GLU A 41 23.15 13.49 -24.47
CA GLU A 41 22.76 12.17 -23.96
C GLU A 41 23.20 12.06 -22.50
N LEU A 42 22.22 11.85 -21.63
CA LEU A 42 22.46 11.67 -20.20
C LEU A 42 21.86 10.33 -19.77
N ASN A 43 22.70 9.46 -19.23
CA ASN A 43 22.26 8.11 -18.83
C ASN A 43 21.50 7.41 -19.96
N LYS A 44 22.14 7.35 -21.12
CA LYS A 44 21.61 6.64 -22.31
C LYS A 44 20.26 7.13 -22.84
N THR A 45 19.87 8.37 -22.51
CA THR A 45 18.65 8.96 -23.06
C THR A 45 18.90 10.39 -23.55
N ILE A 46 18.26 10.73 -24.67
CA ILE A 46 18.52 11.99 -25.36
C ILE A 46 17.75 13.16 -24.75
N TRP A 47 18.50 14.16 -24.28
CA TRP A 47 17.90 15.39 -23.75
C TRP A 47 18.10 16.55 -24.73
N GLU A 48 16.99 17.17 -25.13
CA GLU A 48 17.03 18.32 -26.02
C GLU A 48 16.41 19.51 -25.32
N VAL A 49 17.23 20.37 -24.74
CA VAL A 49 16.73 21.49 -23.94
C VAL A 49 17.08 22.88 -24.51
N PRO A 50 16.23 23.89 -24.23
CA PRO A 50 16.50 25.28 -24.61
C PRO A 50 17.83 25.81 -24.12
N GLU A 51 18.39 26.76 -24.87
CA GLU A 51 19.68 27.40 -24.64
C GLU A 51 19.89 27.81 -23.17
N ARG A 52 18.84 28.35 -22.54
CA ARG A 52 18.94 28.89 -21.18
C ARG A 52 19.31 27.86 -20.11
N TYR A 53 18.90 26.61 -20.29
CA TYR A 53 19.17 25.57 -19.28
C TYR A 53 20.50 24.87 -19.50
N GLN A 54 21.55 25.40 -18.88
CA GLN A 54 22.91 24.90 -19.05
C GLN A 54 23.34 23.96 -17.95
N THR A 55 24.52 23.33 -18.13
CA THR A 55 25.13 22.45 -17.12
C THR A 55 24.11 21.50 -16.47
N LEU A 56 23.49 20.67 -17.30
CA LEU A 56 22.57 19.64 -16.82
C LEU A 56 23.34 18.61 -16.01
N SER A 57 22.78 18.25 -14.85
CA SER A 57 23.36 17.19 -14.02
C SER A 57 22.23 16.34 -13.44
N PRO A 58 22.27 15.03 -13.68
CA PRO A 58 21.25 14.11 -13.17
C PRO A 58 21.35 13.94 -11.66
N VAL A 59 20.25 14.23 -10.95
CA VAL A 59 20.21 14.08 -9.49
C VAL A 59 19.52 12.78 -9.04
N GLY A 60 18.51 12.34 -9.78
CA GLY A 60 17.80 11.11 -9.46
C GLY A 60 16.52 10.94 -10.24
N SER A 61 15.90 9.76 -10.09
CA SER A 61 14.81 9.35 -10.95
C SER A 61 13.85 8.35 -10.30
N GLY A 62 12.69 8.20 -10.94
CA GLY A 62 11.71 7.16 -10.62
C GLY A 62 10.83 6.93 -11.85
N ALA A 63 9.89 5.99 -11.73
CA ALA A 63 8.98 5.63 -12.84
C ALA A 63 8.47 6.84 -13.66
N TYR A 64 7.99 7.86 -12.93
CA TYR A 64 7.43 9.11 -13.50
C TYR A 64 8.29 9.75 -14.61
N GLY A 65 9.55 10.03 -14.30
CA GLY A 65 10.47 10.69 -15.21
C GLY A 65 11.78 11.05 -14.52
N SER A 66 12.80 11.35 -15.32
CA SER A 66 14.13 11.66 -14.79
C SER A 66 14.32 13.15 -14.53
N VAL A 67 15.03 13.49 -13.47
CA VAL A 67 15.26 14.89 -13.11
C VAL A 67 16.73 15.28 -13.28
N CYS A 68 16.94 16.54 -13.64
CA CYS A 68 18.27 17.12 -13.75
C CYS A 68 18.33 18.48 -13.08
N SER A 69 19.43 18.74 -12.37
CA SER A 69 19.73 20.10 -11.95
C SER A 69 20.32 20.82 -13.17
N SER A 70 19.98 22.09 -13.32
CA SER A 70 20.50 22.91 -14.40
C SER A 70 20.62 24.36 -13.99
N TYR A 71 21.59 25.06 -14.57
CA TYR A 71 21.77 26.48 -14.35
C TYR A 71 21.05 27.29 -15.43
N ASP A 72 19.89 27.85 -15.06
CA ASP A 72 19.11 28.72 -15.93
C ASP A 72 19.83 30.07 -16.06
N VAL A 73 20.53 30.24 -17.18
CA VAL A 73 21.28 31.47 -17.44
C VAL A 73 20.39 32.70 -17.32
N LYS A 74 19.18 32.63 -17.89
CA LYS A 74 18.25 33.76 -17.95
C LYS A 74 17.99 34.42 -16.59
N SER A 75 17.47 33.64 -15.64
CA SER A 75 17.13 34.16 -14.31
C SER A 75 18.25 33.97 -13.29
N GLY A 76 19.32 33.27 -13.69
CA GLY A 76 20.50 33.08 -12.85
C GLY A 76 20.24 32.30 -11.58
N LEU A 77 19.60 31.13 -11.70
CA LEU A 77 19.29 30.26 -10.55
C LEU A 77 19.46 28.78 -10.87
N LYS A 78 19.96 28.01 -9.90
CA LYS A 78 20.04 26.56 -10.07
C LYS A 78 18.64 25.95 -10.02
N ILE A 79 18.29 25.22 -11.07
CA ILE A 79 16.91 24.84 -11.37
C ILE A 79 16.74 23.33 -11.46
N ALA A 80 15.49 22.87 -11.44
CA ALA A 80 15.19 21.44 -11.66
C ALA A 80 14.50 21.21 -13.00
N VAL A 81 15.00 20.25 -13.77
CA VAL A 81 14.44 19.92 -15.10
C VAL A 81 14.10 18.45 -15.18
N LYS A 82 12.85 18.15 -15.48
CA LYS A 82 12.39 16.77 -15.60
C LYS A 82 11.95 16.43 -17.01
N LYS A 83 12.46 15.31 -17.52
CA LYS A 83 12.01 14.73 -18.77
C LYS A 83 11.17 13.49 -18.44
N LEU A 84 9.91 13.49 -18.88
CA LEU A 84 8.97 12.41 -18.59
C LEU A 84 9.30 11.12 -19.33
N SER A 85 9.24 9.98 -18.62
CA SER A 85 9.46 8.67 -19.23
C SER A 85 8.29 8.32 -20.14
N ARG A 86 8.57 8.20 -21.43
CA ARG A 86 7.59 7.79 -22.43
C ARG A 86 6.17 8.30 -22.15
N PRO A 87 5.97 9.62 -22.23
CA PRO A 87 4.74 10.24 -21.72
C PRO A 87 3.42 9.82 -22.39
N PHE A 88 3.46 9.35 -23.64
CA PHE A 88 2.24 8.95 -24.35
C PHE A 88 2.26 7.51 -24.85
N GLN A 89 2.82 6.61 -24.05
CA GLN A 89 2.85 5.20 -24.40
C GLN A 89 1.44 4.64 -24.35
N SER A 90 0.77 4.86 -23.22
CA SER A 90 -0.56 4.33 -22.97
C SER A 90 -1.49 5.47 -22.55
N ILE A 91 -2.78 5.15 -22.40
CA ILE A 91 -3.79 6.10 -21.91
C ILE A 91 -3.39 6.62 -20.53
N ILE A 92 -3.02 5.69 -19.66
CA ILE A 92 -2.58 6.01 -18.30
C ILE A 92 -1.39 6.97 -18.31
N HIS A 93 -0.32 6.62 -19.03
CA HIS A 93 0.83 7.50 -19.19
C HIS A 93 0.42 8.87 -19.73
N ALA A 94 -0.50 8.88 -20.69
CA ALA A 94 -0.94 10.10 -21.34
C ALA A 94 -1.74 11.03 -20.42
N LYS A 95 -2.66 10.46 -19.65
CA LYS A 95 -3.48 11.20 -18.69
C LYS A 95 -2.63 11.66 -17.50
N ARG A 96 -1.77 10.75 -17.03
CA ARG A 96 -0.77 11.04 -16.00
C ARG A 96 0.07 12.30 -16.33
N THR A 97 0.56 12.34 -17.57
CA THR A 97 1.31 13.46 -18.14
C THR A 97 0.50 14.75 -18.10
N TYR A 98 -0.73 14.69 -18.60
CA TYR A 98 -1.63 15.86 -18.62
C TYR A 98 -1.97 16.33 -17.20
N ARG A 99 -2.18 15.37 -16.30
CA ARG A 99 -2.56 15.67 -14.93
C ARG A 99 -1.47 16.47 -14.24
N GLU A 100 -0.23 15.99 -14.34
CA GLU A 100 0.87 16.64 -13.66
C GLU A 100 1.09 18.04 -14.21
N LEU A 101 0.91 18.19 -15.53
CA LEU A 101 1.06 19.47 -16.18
C LEU A 101 -0.02 20.45 -15.72
N ARG A 102 -1.26 19.97 -15.55
CA ARG A 102 -2.35 20.83 -15.07
C ARG A 102 -2.19 21.22 -13.60
N LEU A 103 -1.66 20.29 -12.80
CA LEU A 103 -1.57 20.45 -11.36
C LEU A 103 -0.52 21.48 -11.01
N LEU A 104 0.68 21.31 -11.56
CA LEU A 104 1.79 22.21 -11.26
C LEU A 104 1.53 23.59 -11.84
N LYS A 105 0.69 23.65 -12.86
CA LYS A 105 0.21 24.91 -13.41
C LYS A 105 -0.70 25.63 -12.42
N HIS A 106 -1.56 24.85 -11.77
CA HIS A 106 -2.51 25.40 -10.82
C HIS A 106 -1.87 25.75 -9.47
N MET A 107 -0.89 24.96 -9.05
CA MET A 107 -0.27 25.15 -7.73
C MET A 107 0.58 26.42 -7.65
N LYS A 108 0.00 27.45 -7.03
CA LYS A 108 0.65 28.76 -6.91
C LYS A 108 0.67 29.22 -5.45
N HIS A 109 1.65 28.71 -4.72
CA HIS A 109 1.76 28.86 -3.28
C HIS A 109 3.20 28.60 -2.89
N GLU A 110 3.80 29.50 -2.12
CA GLU A 110 5.25 29.47 -1.91
C GLU A 110 5.73 28.22 -1.18
N ASN A 111 4.79 27.41 -0.69
CA ASN A 111 5.11 26.15 -0.02
C ASN A 111 4.79 24.90 -0.82
N VAL A 112 4.39 25.09 -2.08
CA VAL A 112 4.02 23.99 -2.96
C VAL A 112 4.77 24.15 -4.26
N ILE A 113 5.41 23.06 -4.69
CA ILE A 113 6.14 23.04 -5.96
C ILE A 113 5.24 23.56 -7.09
N GLY A 114 5.83 24.39 -7.95
CA GLY A 114 5.08 25.07 -9.01
C GLY A 114 5.82 25.07 -10.34
N LEU A 115 5.05 25.18 -11.42
CA LEU A 115 5.60 25.11 -12.77
C LEU A 115 6.26 26.43 -13.21
N LEU A 116 7.56 26.34 -13.47
CA LEU A 116 8.35 27.49 -13.89
C LEU A 116 8.48 27.54 -15.41
N ASP A 117 8.50 26.35 -16.02
CA ASP A 117 8.54 26.21 -17.47
C ASP A 117 8.13 24.79 -17.90
N VAL A 118 7.50 24.70 -19.05
CA VAL A 118 7.27 23.41 -19.71
C VAL A 118 7.60 23.58 -21.20
N PHE A 119 8.27 22.59 -21.77
CA PHE A 119 8.67 22.69 -23.19
C PHE A 119 8.80 21.38 -23.97
N THR A 120 8.91 21.52 -25.29
CA THR A 120 9.16 20.39 -26.16
C THR A 120 10.01 20.83 -27.35
N PRO A 121 10.93 19.96 -27.79
CA PRO A 121 11.70 20.23 -29.00
C PRO A 121 10.83 20.10 -30.25
N ALA A 122 9.74 19.34 -30.14
CA ALA A 122 8.79 19.16 -31.24
C ALA A 122 8.21 20.47 -31.77
N THR A 123 7.94 20.52 -33.07
CA THR A 123 7.40 21.71 -33.71
C THR A 123 6.01 21.48 -34.35
N SER A 124 5.40 20.33 -34.06
CA SER A 124 4.05 19.99 -34.52
C SER A 124 3.47 18.84 -33.70
N LEU A 125 2.14 18.81 -33.65
CA LEU A 125 1.41 17.83 -32.86
C LEU A 125 1.75 16.38 -33.23
N GLU A 126 1.87 16.09 -34.53
CA GLU A 126 2.17 14.74 -34.99
C GLU A 126 3.55 14.30 -34.48
N GLU A 127 4.52 15.20 -34.60
CA GLU A 127 5.87 14.97 -34.14
C GLU A 127 5.96 14.89 -32.60
N PHE A 128 5.18 15.73 -31.92
CA PHE A 128 5.18 15.86 -30.45
C PHE A 128 5.22 14.53 -29.70
N ASN A 129 6.27 14.34 -28.89
CA ASN A 129 6.49 13.05 -28.23
C ASN A 129 7.47 13.10 -27.05
N ASP A 130 7.87 14.31 -26.68
CA ASP A 130 8.78 14.53 -25.55
C ASP A 130 8.36 15.77 -24.77
N VAL A 131 8.16 15.60 -23.47
CA VAL A 131 7.72 16.70 -22.60
C VAL A 131 8.72 16.94 -21.46
N TYR A 132 9.01 18.21 -21.20
CA TYR A 132 9.86 18.56 -20.06
C TYR A 132 9.16 19.55 -19.14
N LEU A 133 9.23 19.29 -17.84
CA LEU A 133 8.67 20.22 -16.87
C LEU A 133 9.81 20.82 -16.05
N VAL A 134 9.71 22.10 -15.74
CA VAL A 134 10.74 22.81 -14.99
C VAL A 134 10.18 23.43 -13.71
N THR A 135 10.90 23.24 -12.60
CA THR A 135 10.52 23.84 -11.31
C THR A 135 11.75 24.38 -10.59
N HIS A 136 11.56 24.87 -9.36
CA HIS A 136 12.66 25.24 -8.51
C HIS A 136 13.37 23.98 -8.03
N LEU A 137 14.62 24.12 -7.61
CA LEU A 137 15.37 22.98 -7.10
C LEU A 137 15.48 23.01 -5.58
N MET A 138 14.93 21.98 -4.94
CA MET A 138 15.12 21.77 -3.51
C MET A 138 16.21 20.72 -3.35
N GLY A 139 17.02 20.82 -2.30
CA GLY A 139 18.21 20.01 -2.19
C GLY A 139 18.21 18.84 -1.22
N ALA A 140 17.14 18.70 -0.44
CA ALA A 140 17.09 17.67 0.60
C ALA A 140 15.71 17.03 0.85
N ASP A 141 15.64 15.71 0.66
CA ASP A 141 14.47 14.89 0.90
C ASP A 141 14.20 14.78 2.39
N LEU A 142 13.02 14.27 2.74
CA LEU A 142 12.65 14.03 4.14
C LEU A 142 13.69 13.15 4.83
N ASN A 143 14.03 12.03 4.20
CA ASN A 143 14.97 11.06 4.76
C ASN A 143 16.39 11.60 4.99
N ASN A 144 16.63 12.83 4.52
CA ASN A 144 17.91 13.52 4.72
C ASN A 144 17.77 14.62 5.77
N ILE A 145 16.53 15.08 5.94
CA ILE A 145 16.21 16.16 6.88
C ILE A 145 16.31 15.70 8.34
N VAL A 146 15.98 14.43 8.56
CA VAL A 146 16.13 13.81 9.87
C VAL A 146 17.63 13.76 10.26
N LYS A 147 18.42 13.07 9.44
CA LYS A 147 19.86 12.89 9.68
C LYS A 147 20.62 14.22 9.69
N CYS A 148 20.00 15.26 9.10
CA CYS A 148 20.54 16.62 9.12
C CYS A 148 20.54 17.16 10.55
N GLN A 149 21.46 16.64 11.36
CA GLN A 149 21.32 16.55 12.82
C GLN A 149 20.99 17.84 13.56
N LYS A 150 21.98 18.75 13.70
CA LYS A 150 21.88 19.89 14.63
C LYS A 150 20.80 20.93 14.27
N LEU A 151 19.60 20.69 14.84
CA LEU A 151 18.39 21.45 14.52
C LEU A 151 17.90 22.19 15.76
N THR A 152 17.94 23.52 15.71
CA THR A 152 17.36 24.35 16.75
C THR A 152 15.84 24.22 16.72
N ASP A 153 15.19 24.62 17.82
CA ASP A 153 13.73 24.64 17.89
C ASP A 153 13.12 25.53 16.79
N ASP A 154 13.82 26.60 16.43
CA ASP A 154 13.36 27.53 15.41
C ASP A 154 13.23 26.86 14.03
N HIS A 155 14.20 26.03 13.66
CA HIS A 155 14.11 25.27 12.42
C HIS A 155 12.86 24.39 12.41
N VAL A 156 12.58 23.74 13.54
CA VAL A 156 11.41 22.88 13.66
C VAL A 156 10.12 23.70 13.53
N GLN A 157 10.05 24.82 14.24
CA GLN A 157 8.92 25.75 14.12
C GLN A 157 8.65 26.14 12.66
N PHE A 158 9.72 26.46 11.95
CA PHE A 158 9.64 26.93 10.58
C PHE A 158 9.22 25.82 9.62
N LEU A 159 9.89 24.67 9.72
CA LEU A 159 9.62 23.52 8.87
C LEU A 159 8.16 23.09 8.96
N ILE A 160 7.73 22.74 10.18
CA ILE A 160 6.36 22.32 10.42
C ILE A 160 5.34 23.38 9.99
N TYR A 161 5.61 24.64 10.32
CA TYR A 161 4.74 25.75 9.90
C TYR A 161 4.52 25.80 8.39
N GLN A 162 5.57 25.46 7.63
CA GLN A 162 5.52 25.51 6.17
C GLN A 162 4.70 24.37 5.58
N ILE A 163 4.85 23.18 6.14
CA ILE A 163 4.06 22.02 5.74
C ILE A 163 2.58 22.30 5.98
N LEU A 164 2.29 22.87 7.14
CA LEU A 164 0.90 23.21 7.51
C LEU A 164 0.30 24.28 6.60
N ARG A 165 1.08 25.30 6.30
CA ARG A 165 0.64 26.37 5.38
C ARG A 165 0.36 25.77 3.99
N GLY A 166 1.29 24.95 3.52
CA GLY A 166 1.10 24.16 2.30
C GLY A 166 -0.13 23.29 2.38
N LEU A 167 -0.25 22.51 3.44
CA LEU A 167 -1.38 21.58 3.61
C LEU A 167 -2.74 22.26 3.54
N LYS A 168 -2.87 23.41 4.21
CA LYS A 168 -4.12 24.16 4.22
C LYS A 168 -4.52 24.44 2.79
N TYR A 169 -3.57 24.99 2.05
CA TYR A 169 -3.75 25.31 0.64
C TYR A 169 -4.07 24.06 -0.17
N ILE A 170 -3.31 22.98 0.06
CA ILE A 170 -3.50 21.73 -0.69
C ILE A 170 -4.89 21.13 -0.47
N HIS A 171 -5.32 21.09 0.78
CA HIS A 171 -6.65 20.59 1.09
C HIS A 171 -7.74 21.45 0.45
N SER A 172 -7.52 22.76 0.38
CA SER A 172 -8.51 23.69 -0.18
C SER A 172 -8.79 23.49 -1.67
N ALA A 173 -7.83 22.89 -2.36
CA ALA A 173 -7.97 22.61 -3.79
C ALA A 173 -8.84 21.38 -4.07
N ASP A 174 -8.97 20.48 -3.10
CA ASP A 174 -9.72 19.24 -3.28
C ASP A 174 -9.23 18.44 -4.49
N ILE A 175 -7.95 18.08 -4.47
CA ILE A 175 -7.33 17.42 -5.61
C ILE A 175 -7.68 15.93 -5.61
N ILE A 176 -8.40 15.52 -6.66
CA ILE A 176 -8.94 14.18 -6.81
C ILE A 176 -7.84 13.11 -6.77
N HIS A 177 -6.80 13.30 -7.58
CA HIS A 177 -5.67 12.39 -7.55
C HIS A 177 -4.69 12.92 -6.49
N ARG A 178 -4.03 12.02 -5.75
CA ARG A 178 -3.23 12.47 -4.62
C ARG A 178 -1.74 12.43 -4.89
N ASP A 179 -1.17 13.57 -5.25
CA ASP A 179 0.26 13.66 -5.53
C ASP A 179 1.01 14.55 -4.54
N LEU A 180 0.28 15.40 -3.82
CA LEU A 180 0.88 16.24 -2.81
C LEU A 180 0.52 15.77 -1.40
N LYS A 181 1.55 15.35 -0.66
CA LYS A 181 1.44 14.86 0.71
C LYS A 181 2.57 15.50 1.54
N PRO A 182 2.44 15.50 2.89
CA PRO A 182 3.50 15.98 3.77
C PRO A 182 4.84 15.25 3.58
N SER A 183 4.79 13.94 3.34
CA SER A 183 6.02 13.14 3.22
C SER A 183 6.82 13.49 1.98
N ASN A 184 6.15 14.05 0.97
CA ASN A 184 6.83 14.56 -0.22
C ASN A 184 7.57 15.88 0.01
N LEU A 185 7.68 16.34 1.26
CA LEU A 185 8.32 17.63 1.52
C LEU A 185 9.79 17.68 1.06
N ALA A 186 10.25 18.88 0.71
CA ALA A 186 11.63 19.07 0.28
C ALA A 186 12.16 20.43 0.74
N VAL A 187 13.46 20.47 1.04
CA VAL A 187 14.08 21.58 1.76
C VAL A 187 15.43 21.99 1.18
N ASN A 188 15.56 23.27 0.86
CA ASN A 188 16.87 23.80 0.44
C ASN A 188 17.64 24.27 1.68
N GLU A 189 18.91 24.65 1.49
CA GLU A 189 19.86 24.70 2.62
C GLU A 189 19.51 25.61 3.79
N ASP A 190 18.65 26.60 3.58
CA ASP A 190 18.23 27.50 4.66
C ASP A 190 16.84 27.16 5.21
N CYS A 191 16.50 25.87 5.15
CA CYS A 191 15.23 25.34 5.67
C CYS A 191 13.93 25.84 4.99
N GLU A 192 14.04 26.49 3.83
CA GLU A 192 12.84 26.82 3.06
C GLU A 192 12.22 25.58 2.42
N LEU A 193 10.90 25.44 2.56
CA LEU A 193 10.23 24.16 2.31
C LEU A 193 9.16 24.21 1.20
N LYS A 194 9.15 23.16 0.39
CA LYS A 194 8.14 22.99 -0.65
C LYS A 194 7.70 21.53 -0.63
N ILE A 195 6.43 21.30 -0.93
CA ILE A 195 5.91 19.94 -1.08
C ILE A 195 5.94 19.55 -2.54
N LEU A 196 6.76 18.56 -2.86
CA LEU A 196 6.85 18.04 -4.23
C LEU A 196 5.70 17.09 -4.58
N ASP A 197 5.74 16.51 -5.78
CA ASP A 197 4.70 15.59 -6.25
C ASP A 197 5.17 14.15 -6.26
N PHE A 198 6.14 13.85 -5.39
CA PHE A 198 6.69 12.50 -5.21
C PHE A 198 7.60 12.45 -3.97
N GLY A 199 7.92 11.23 -3.52
CA GLY A 199 8.84 11.02 -2.40
C GLY A 199 8.46 9.80 -1.58
N TYR A 217 -8.67 -5.11 -8.00
CA TYR A 217 -8.90 -6.03 -6.84
C TYR A 217 -9.17 -5.27 -5.55
N ARG A 218 -8.67 -4.04 -5.46
CA ARG A 218 -8.94 -3.16 -4.32
C ARG A 218 -10.44 -2.99 -4.10
N ALA A 219 -10.88 -3.18 -2.85
CA ALA A 219 -12.28 -3.06 -2.50
C ALA A 219 -12.67 -1.59 -2.34
N PRO A 220 -13.94 -1.26 -2.65
CA PRO A 220 -14.41 0.12 -2.50
C PRO A 220 -14.25 0.71 -1.08
N GLU A 221 -14.50 -0.09 -0.04
CA GLU A 221 -14.42 0.41 1.35
C GLU A 221 -13.04 0.99 1.72
N ILE A 222 -12.00 0.48 1.06
CA ILE A 222 -10.64 0.95 1.30
C ILE A 222 -10.45 2.36 0.76
N MET A 223 -10.83 2.58 -0.49
CA MET A 223 -10.59 3.87 -1.14
C MET A 223 -11.60 4.94 -0.70
N LEU A 224 -12.81 4.52 -0.35
CA LEU A 224 -13.78 5.39 0.28
C LEU A 224 -13.21 5.92 1.59
N ASN A 225 -12.53 5.05 2.34
CA ASN A 225 -11.82 5.39 3.56
C ASN A 225 -10.69 6.38 3.34
N TRP A 226 -9.94 6.22 2.25
CA TRP A 226 -8.92 7.20 1.87
C TRP A 226 -9.57 8.58 1.78
N MET A 227 -10.55 8.69 0.90
CA MET A 227 -11.24 9.95 0.70
C MET A 227 -11.72 10.50 2.02
N HIS A 228 -12.30 9.63 2.83
CA HIS A 228 -12.90 10.03 4.08
C HIS A 228 -11.85 10.70 4.99
N TYR A 229 -10.66 10.09 5.08
CA TYR A 229 -9.66 10.51 6.06
C TYR A 229 -8.44 11.21 5.48
N ASN A 230 -8.48 11.55 4.18
CA ASN A 230 -7.32 12.11 3.49
C ASN A 230 -6.73 13.35 4.14
N MET A 231 -7.55 14.19 4.74
CA MET A 231 -7.04 15.37 5.47
C MET A 231 -6.53 15.00 6.86
N THR A 232 -7.28 14.15 7.57
CA THR A 232 -6.84 13.70 8.89
C THR A 232 -5.49 12.98 8.84
N VAL A 233 -5.33 12.03 7.93
CA VAL A 233 -4.05 11.30 7.84
C VAL A 233 -2.89 12.25 7.58
N ASP A 234 -3.14 13.34 6.85
CA ASP A 234 -2.11 14.35 6.58
C ASP A 234 -1.52 14.91 7.86
N ILE A 235 -2.40 15.20 8.82
CA ILE A 235 -1.99 15.85 10.07
C ILE A 235 -1.36 14.85 11.02
N TRP A 236 -1.64 13.56 10.79
CA TRP A 236 -0.94 12.49 11.50
C TRP A 236 0.49 12.36 11.00
N SER A 237 0.67 12.44 9.68
CA SER A 237 2.00 12.42 9.10
C SER A 237 2.84 13.56 9.67
N VAL A 238 2.35 14.81 9.56
CA VAL A 238 3.03 15.96 10.13
C VAL A 238 3.45 15.68 11.57
N GLY A 239 2.49 15.23 12.39
CA GLY A 239 2.75 14.87 13.78
C GLY A 239 3.94 13.95 13.93
N CYS A 240 3.92 12.84 13.19
CA CYS A 240 5.06 11.92 13.15
C CYS A 240 6.35 12.61 12.69
N ILE A 241 6.25 13.42 11.65
CA ILE A 241 7.41 14.12 11.12
C ILE A 241 8.03 15.06 12.18
N MET A 242 7.21 15.93 12.74
CA MET A 242 7.64 16.85 13.82
C MET A 242 8.31 16.12 14.97
N ALA A 243 7.74 14.98 15.35
CA ALA A 243 8.25 14.17 16.46
C ALA A 243 9.68 13.73 16.20
N GLU A 244 9.93 13.34 14.95
CA GLU A 244 11.23 12.85 14.53
C GLU A 244 12.24 13.99 14.46
N LEU A 245 11.77 15.21 14.25
CA LEU A 245 12.65 16.36 14.18
C LEU A 245 13.09 16.84 15.57
N LEU A 246 12.31 16.47 16.59
CA LEU A 246 12.61 16.85 17.97
C LEU A 246 13.40 15.78 18.71
N THR A 247 13.19 14.52 18.35
CA THR A 247 13.87 13.42 19.02
C THR A 247 15.00 12.85 18.17
N GLY A 248 14.73 12.62 16.90
CA GLY A 248 15.71 12.03 16.01
C GLY A 248 15.49 10.54 15.83
N ARG A 249 14.55 9.99 16.60
CA ARG A 249 14.13 8.60 16.47
C ARG A 249 12.73 8.50 15.87
N THR A 250 12.40 7.32 15.33
CA THR A 250 11.06 7.02 14.84
C THR A 250 10.06 6.96 16.00
N LEU A 251 8.90 7.59 15.83
CA LEU A 251 7.92 7.65 16.92
C LEU A 251 7.20 6.34 17.18
N PHE A 252 6.54 5.79 16.16
CA PHE A 252 5.73 4.57 16.35
C PHE A 252 6.32 3.37 15.59
N PRO A 253 7.40 2.76 16.14
CA PRO A 253 8.02 1.65 15.42
C PRO A 253 7.34 0.32 15.76
N GLY A 254 6.77 -0.33 14.75
CA GLY A 254 6.12 -1.61 14.94
C GLY A 254 7.07 -2.74 14.61
N THR A 255 6.63 -3.98 14.88
CA THR A 255 7.30 -5.14 14.32
C THR A 255 6.74 -5.34 12.92
N ASP A 256 5.49 -4.90 12.75
CA ASP A 256 4.77 -4.92 11.50
C ASP A 256 3.71 -3.84 11.56
N HIS A 257 2.84 -3.77 10.55
CA HIS A 257 1.87 -2.67 10.42
C HIS A 257 0.67 -2.78 11.35
N ILE A 258 0.24 -4.00 11.65
CA ILE A 258 -0.88 -4.16 12.59
C ILE A 258 -0.40 -3.99 14.03
N ASN A 259 0.84 -4.43 14.31
CA ASN A 259 1.49 -4.15 15.59
C ASN A 259 1.73 -2.65 15.79
N GLN A 260 1.89 -1.94 14.68
CA GLN A 260 1.97 -0.49 14.68
C GLN A 260 0.77 0.18 15.36
N LEU A 261 -0.42 -0.40 15.19
CA LEU A 261 -1.61 0.14 15.82
C LEU A 261 -1.49 0.06 17.34
N GLN A 262 -1.00 -1.08 17.81
CA GLN A 262 -0.79 -1.30 19.25
C GLN A 262 0.19 -0.29 19.85
N GLN A 263 1.25 0.03 19.11
CA GLN A 263 2.22 1.02 19.54
C GLN A 263 1.58 2.40 19.64
N ILE A 264 0.85 2.81 18.59
CA ILE A 264 0.18 4.10 18.58
C ILE A 264 -0.66 4.31 19.84
N MET A 265 -1.44 3.28 20.18
CA MET A 265 -2.40 3.35 21.29
C MET A 265 -1.77 3.53 22.68
N ARG A 266 -0.48 3.23 22.81
CA ARG A 266 0.24 3.40 24.09
C ARG A 266 0.33 4.88 24.46
N LEU A 267 0.30 5.73 23.43
CA LEU A 267 0.31 7.18 23.55
C LEU A 267 -1.08 7.78 23.38
N THR A 268 -1.86 7.23 22.46
CA THR A 268 -3.15 7.83 22.11
C THR A 268 -4.30 7.29 22.91
N GLY A 269 -4.11 6.15 23.56
CA GLY A 269 -5.24 5.46 24.19
C GLY A 269 -6.02 4.64 23.18
N THR A 270 -6.98 3.87 23.69
CA THR A 270 -7.75 2.95 22.86
C THR A 270 -8.89 3.70 22.19
N PRO A 271 -9.44 3.14 21.07
CA PRO A 271 -10.50 3.77 20.29
C PRO A 271 -11.80 4.00 21.08
N PRO A 272 -12.69 4.85 20.55
CA PRO A 272 -13.96 5.04 21.24
C PRO A 272 -14.79 3.76 21.16
N ALA A 273 -15.83 3.66 21.97
CA ALA A 273 -16.68 2.49 21.95
C ALA A 273 -17.33 2.29 20.58
N SER A 274 -17.59 3.38 19.87
CA SER A 274 -18.29 3.31 18.60
C SER A 274 -17.47 2.58 17.54
N VAL A 275 -16.15 2.82 17.55
CA VAL A 275 -15.23 2.17 16.62
C VAL A 275 -15.02 0.70 16.98
N ILE A 276 -14.97 0.40 18.27
CA ILE A 276 -14.67 -0.96 18.78
C ILE A 276 -15.86 -1.89 18.62
N SER A 277 -17.06 -1.38 18.93
CA SER A 277 -18.28 -2.17 18.91
C SER A 277 -18.74 -2.62 17.53
N ARG A 278 -18.05 -2.17 16.49
CA ARG A 278 -18.37 -2.66 15.15
C ARG A 278 -17.21 -3.33 14.39
N MET A 279 -16.22 -3.82 15.13
CA MET A 279 -15.19 -4.69 14.56
C MET A 279 -15.80 -6.04 14.19
N PRO A 280 -15.27 -6.70 13.14
CA PRO A 280 -15.95 -7.87 12.59
C PRO A 280 -15.94 -9.13 13.49
N SER A 281 -15.17 -9.11 14.57
CA SER A 281 -15.11 -10.24 15.51
C SER A 281 -14.81 -9.79 16.93
N HIS A 282 -15.03 -10.69 17.90
CA HIS A 282 -14.70 -10.39 19.29
C HIS A 282 -13.20 -10.32 19.52
N GLU A 283 -12.44 -11.15 18.80
CA GLU A 283 -11.00 -11.14 18.91
C GLU A 283 -10.40 -9.87 18.34
N ALA A 284 -11.12 -9.28 17.38
CA ALA A 284 -10.76 -7.97 16.85
C ALA A 284 -10.93 -6.88 17.92
N ARG A 285 -12.05 -6.93 18.66
CA ARG A 285 -12.32 -5.95 19.71
C ARG A 285 -11.28 -6.09 20.81
N ASN A 286 -10.95 -7.34 21.12
CA ASN A 286 -9.90 -7.66 22.09
C ASN A 286 -8.55 -7.02 21.76
N TYR A 287 -8.23 -6.92 20.48
CA TYR A 287 -6.96 -6.34 20.06
C TYR A 287 -6.93 -4.82 20.23
N ILE A 288 -8.06 -4.16 20.09
CA ILE A 288 -8.11 -2.68 20.16
C ILE A 288 -8.88 -2.09 21.36
N ASN A 289 -9.51 -2.93 22.17
CA ASN A 289 -10.19 -2.45 23.38
C ASN A 289 -9.32 -2.48 24.66
N SER A 290 -8.09 -2.95 24.52
CA SER A 290 -7.16 -3.04 25.64
C SER A 290 -5.71 -2.95 25.19
N LEU A 291 -4.93 -2.19 25.94
CA LEU A 291 -3.48 -2.24 25.83
C LEU A 291 -3.00 -3.46 26.61
N PRO A 292 -1.97 -4.17 26.09
CA PRO A 292 -1.29 -5.15 26.94
C PRO A 292 -0.43 -4.43 27.97
N GLN A 293 -0.11 -5.07 29.09
CA GLN A 293 0.62 -4.35 30.12
C GLN A 293 2.11 -4.17 29.77
N MET A 294 2.35 -3.12 29.00
CA MET A 294 3.70 -2.65 28.69
C MET A 294 4.04 -1.50 29.65
N PRO A 295 5.34 -1.11 29.73
CA PRO A 295 5.75 0.07 30.48
C PRO A 295 5.02 1.31 30.00
N LYS A 296 4.52 2.11 30.94
CA LYS A 296 3.72 3.29 30.63
C LYS A 296 4.55 4.40 30.00
N ARG A 297 4.06 4.92 28.86
CA ARG A 297 4.71 6.04 28.17
C ARG A 297 3.76 7.21 27.90
N ASN A 298 4.24 8.43 28.18
CA ASN A 298 3.45 9.63 27.98
C ASN A 298 4.22 10.70 27.22
N PHE A 299 3.46 11.64 26.63
CA PHE A 299 4.01 12.71 25.79
C PHE A 299 5.12 13.52 26.46
N ALA A 300 4.93 13.83 27.74
CA ALA A 300 5.93 14.59 28.50
C ALA A 300 7.25 13.83 28.60
N ASP A 301 7.15 12.51 28.72
CA ASP A 301 8.32 11.65 28.75
C ASP A 301 9.00 11.57 27.38
N VAL A 302 8.23 11.23 26.35
CA VAL A 302 8.78 11.05 25.00
C VAL A 302 9.53 12.29 24.47
N PHE A 303 8.96 13.48 24.70
CA PHE A 303 9.54 14.73 24.21
C PHE A 303 10.00 15.61 25.38
N ILE A 304 10.94 15.07 26.15
CA ILE A 304 11.40 15.72 27.38
C ILE A 304 12.15 17.04 27.15
N GLY A 305 13.16 17.03 26.30
CA GLY A 305 13.95 18.24 26.05
C GLY A 305 13.24 19.31 25.22
N ALA A 306 12.01 19.01 24.82
CA ALA A 306 11.30 19.81 23.82
C ALA A 306 10.64 21.06 24.38
N ASN A 307 10.62 22.11 23.56
CA ASN A 307 9.82 23.29 23.84
C ASN A 307 8.41 22.82 24.23
N PRO A 308 7.97 23.17 25.45
CA PRO A 308 6.68 22.63 25.93
C PRO A 308 5.49 22.95 25.03
N LEU A 309 5.64 23.95 24.16
CA LEU A 309 4.59 24.28 23.19
C LEU A 309 4.58 23.27 22.05
N ALA A 310 5.77 22.76 21.72
CA ALA A 310 5.92 21.67 20.78
C ALA A 310 5.20 20.43 21.29
N VAL A 311 5.34 20.16 22.58
CA VAL A 311 4.69 19.02 23.19
C VAL A 311 3.18 19.21 23.20
N ASP A 312 2.74 20.45 23.44
CA ASP A 312 1.32 20.78 23.39
C ASP A 312 0.78 20.56 21.98
N LEU A 313 1.47 21.10 20.99
CA LEU A 313 1.09 20.93 19.60
C LEU A 313 0.95 19.45 19.22
N LEU A 314 1.91 18.64 19.64
CA LEU A 314 1.94 17.22 19.34
C LEU A 314 0.79 16.47 19.98
N GLU A 315 0.35 16.93 21.15
CA GLU A 315 -0.76 16.30 21.89
C GLU A 315 -2.13 16.59 21.25
N LYS A 316 -2.14 17.44 20.23
CA LYS A 316 -3.36 17.80 19.55
C LYS A 316 -3.30 17.25 18.13
N MET A 317 -2.08 16.94 17.68
CA MET A 317 -1.87 16.30 16.39
C MET A 317 -1.98 14.79 16.49
N LEU A 318 -1.30 14.23 17.47
CA LEU A 318 -1.26 12.78 17.64
C LEU A 318 -2.41 12.25 18.50
N VAL A 319 -3.62 12.46 17.99
CA VAL A 319 -4.87 12.11 18.63
C VAL A 319 -5.61 11.08 17.76
N LEU A 320 -6.14 10.03 18.39
CA LEU A 320 -6.79 8.95 17.63
C LEU A 320 -8.17 9.36 17.09
N ASP A 321 -8.90 10.17 17.86
CA ASP A 321 -10.25 10.56 17.49
C ASP A 321 -10.17 11.50 16.30
N THR A 322 -10.34 10.94 15.11
CA THR A 322 -10.21 11.68 13.85
C THR A 322 -10.92 13.04 13.84
N ASP A 323 -11.96 13.16 14.66
CA ASP A 323 -12.78 14.37 14.72
C ASP A 323 -12.20 15.40 15.67
N LYS A 324 -11.54 14.91 16.73
CA LYS A 324 -10.94 15.78 17.74
C LYS A 324 -9.55 16.20 17.33
N ARG A 325 -8.97 15.52 16.35
CA ARG A 325 -7.62 15.82 15.90
C ARG A 325 -7.57 17.24 15.36
N ILE A 326 -6.40 17.87 15.47
CA ILE A 326 -6.27 19.25 15.03
C ILE A 326 -6.23 19.31 13.51
N THR A 327 -6.93 20.31 12.96
CA THR A 327 -6.95 20.61 11.53
C THR A 327 -5.77 21.51 11.20
N ALA A 328 -5.35 21.52 9.94
CA ALA A 328 -4.19 22.29 9.49
C ALA A 328 -4.28 23.77 9.87
N SER A 329 -5.40 24.40 9.55
CA SER A 329 -5.55 25.84 9.76
C SER A 329 -5.71 26.20 11.23
N GLU A 330 -6.23 25.26 12.01
CA GLU A 330 -6.23 25.40 13.46
C GLU A 330 -4.78 25.31 13.92
N ALA A 331 -4.09 24.25 13.51
CA ALA A 331 -2.70 24.04 13.87
C ALA A 331 -1.83 25.26 13.59
N LEU A 332 -2.23 26.08 12.61
CA LEU A 332 -1.50 27.30 12.28
C LEU A 332 -1.64 28.35 13.39
N ALA A 333 -2.85 28.49 13.92
CA ALA A 333 -3.17 29.48 14.95
C ALA A 333 -2.56 29.17 16.32
N HIS A 334 -1.99 27.97 16.46
CA HIS A 334 -1.41 27.49 17.70
C HIS A 334 -0.26 28.41 18.16
N PRO A 335 -0.08 28.58 19.49
CA PRO A 335 0.97 29.45 20.05
C PRO A 335 2.40 29.09 19.65
N TYR A 336 2.64 27.81 19.34
CA TYR A 336 3.97 27.33 18.93
C TYR A 336 4.50 28.04 17.68
N PHE A 337 3.59 28.58 16.87
CA PHE A 337 4.00 29.30 15.66
C PHE A 337 3.71 30.79 15.75
N SER A 338 3.91 31.37 16.94
CA SER A 338 3.55 32.78 17.17
C SER A 338 4.36 33.74 16.31
N GLN A 339 5.65 33.44 16.13
CA GLN A 339 6.50 34.18 15.17
C GLN A 339 5.87 34.23 13.79
N TYR A 340 5.59 33.06 13.26
CA TYR A 340 5.28 32.91 11.85
C TYR A 340 3.82 33.15 11.50
N HIS A 341 2.92 32.90 12.45
CA HIS A 341 1.48 32.95 12.17
C HIS A 341 0.97 34.31 11.70
N ASP A 342 0.54 34.33 10.44
CA ASP A 342 -0.02 35.51 9.82
C ASP A 342 -1.34 35.07 9.17
N PRO A 343 -2.48 35.34 9.83
CA PRO A 343 -3.81 34.83 9.40
C PRO A 343 -4.30 35.36 8.05
N ASP A 344 -3.68 36.42 7.55
CA ASP A 344 -4.02 37.00 6.25
C ASP A 344 -2.95 36.69 5.21
N ASP A 345 -1.96 35.90 5.62
CA ASP A 345 -0.93 35.41 4.72
C ASP A 345 -0.90 33.87 4.69
N GLU A 346 -2.09 33.28 4.77
CA GLU A 346 -2.23 31.83 4.82
C GLU A 346 -3.31 31.35 3.84
N PRO A 347 -3.09 31.61 2.54
CA PRO A 347 -4.13 31.54 1.52
C PRO A 347 -4.67 30.14 1.21
N GLU A 348 -5.93 30.10 0.80
CA GLU A 348 -6.55 28.92 0.24
C GLU A 348 -6.39 28.97 -1.28
N SER A 349 -6.71 27.86 -1.93
CA SER A 349 -6.55 27.73 -3.36
C SER A 349 -7.72 28.34 -4.11
N GLU A 350 -7.50 28.67 -5.38
CA GLU A 350 -8.58 28.92 -6.32
C GLU A 350 -9.20 27.56 -6.63
N PRO A 351 -10.50 27.53 -6.97
CA PRO A 351 -11.08 26.26 -7.45
C PRO A 351 -10.24 25.69 -8.59
N TYR A 352 -10.20 24.37 -8.68
CA TYR A 352 -9.33 23.68 -9.63
C TYR A 352 -10.18 22.69 -10.43
N ASP A 353 -10.31 22.97 -11.72
CA ASP A 353 -11.21 22.23 -12.60
C ASP A 353 -10.63 20.88 -12.99
N GLN A 354 -11.16 19.84 -12.39
CA GLN A 354 -10.63 18.48 -12.58
C GLN A 354 -11.60 17.59 -13.31
N SER A 355 -12.54 18.21 -14.03
CA SER A 355 -13.49 17.51 -14.87
C SER A 355 -12.79 16.48 -15.77
N PHE A 356 -11.52 16.75 -16.11
CA PHE A 356 -10.72 15.86 -16.95
C PHE A 356 -10.54 14.47 -16.35
N GLU A 357 -10.57 14.39 -15.02
CA GLU A 357 -10.37 13.12 -14.29
C GLU A 357 -11.44 12.07 -14.56
N SER A 358 -12.62 12.52 -15.00
CA SER A 358 -13.73 11.60 -15.24
C SER A 358 -14.09 11.48 -16.72
N ARG A 359 -13.21 11.99 -17.57
CA ARG A 359 -13.31 11.78 -19.01
C ARG A 359 -12.54 10.54 -19.40
N GLN A 360 -13.12 9.74 -20.29
CA GLN A 360 -12.45 8.53 -20.77
C GLN A 360 -12.05 8.73 -22.22
N LEU A 361 -10.74 8.85 -22.45
CA LEU A 361 -10.23 9.31 -23.72
C LEU A 361 -9.16 8.38 -24.28
N GLU A 362 -9.02 8.38 -25.60
CA GLU A 362 -7.93 7.68 -26.29
C GLU A 362 -6.62 8.43 -26.03
N ILE A 363 -5.49 7.73 -26.17
CA ILE A 363 -4.16 8.30 -25.95
C ILE A 363 -4.08 9.66 -26.64
N GLU A 364 -4.36 9.64 -27.94
CA GLU A 364 -4.23 10.80 -28.83
C GLU A 364 -5.02 12.05 -28.38
N GLU A 365 -6.10 11.83 -27.64
CA GLU A 365 -6.88 12.94 -27.09
C GLU A 365 -6.16 13.62 -25.92
N TRP A 366 -5.45 12.82 -25.11
CA TRP A 366 -4.67 13.33 -23.99
C TRP A 366 -3.43 14.04 -24.48
N LYS A 367 -2.85 13.52 -25.56
CA LYS A 367 -1.67 14.09 -26.17
C LYS A 367 -1.95 15.49 -26.73
N ARG A 368 -3.15 15.66 -27.30
CA ARG A 368 -3.56 16.93 -27.88
C ARG A 368 -3.77 17.98 -26.78
N LEU A 369 -4.45 17.57 -25.72
CA LEU A 369 -4.69 18.43 -24.58
C LEU A 369 -3.37 18.89 -24.00
N THR A 370 -2.44 17.95 -23.89
CA THR A 370 -1.10 18.20 -23.36
C THR A 370 -0.32 19.21 -24.21
N TYR A 371 -0.34 19.00 -25.53
CA TYR A 371 0.37 19.85 -26.47
C TYR A 371 -0.24 21.25 -26.54
N GLU A 372 -1.55 21.34 -26.33
CA GLU A 372 -2.22 22.64 -26.27
C GLU A 372 -1.76 23.45 -25.05
N GLU A 373 -1.46 22.75 -23.96
CA GLU A 373 -0.99 23.39 -22.73
C GLU A 373 0.46 23.88 -22.87
N VAL A 374 1.32 23.03 -23.45
CA VAL A 374 2.73 23.39 -23.68
C VAL A 374 2.86 24.67 -24.51
N CYS A 375 2.08 24.76 -25.59
CA CYS A 375 2.11 25.90 -26.48
C CYS A 375 1.45 27.15 -25.88
N SER A 376 0.53 26.95 -24.93
CA SER A 376 -0.16 28.05 -24.26
C SER A 376 0.67 28.68 -23.14
N PHE A 377 1.63 27.91 -22.62
CA PHE A 377 2.34 28.29 -21.40
C PHE A 377 3.22 29.53 -21.54
N GLU A 378 2.95 30.51 -20.68
CA GLU A 378 3.75 31.73 -20.60
C GLU A 378 4.71 31.57 -19.42
N THR A 379 6.00 31.60 -19.71
CA THR A 379 7.05 31.33 -18.71
C THR A 379 7.26 32.50 -17.72
N PRO A 380 6.91 32.30 -16.43
CA PRO A 380 7.11 33.33 -15.42
C PRO A 380 8.54 33.40 -14.91
N GLU B 33 15.89 -38.35 16.53
CA GLU B 33 17.26 -38.77 16.06
C GLU B 33 17.61 -38.13 14.71
N ARG B 34 18.65 -37.30 14.71
CA ARG B 34 19.07 -36.58 13.51
C ARG B 34 19.33 -37.51 12.32
N PRO B 35 18.60 -37.31 11.21
CA PRO B 35 18.91 -38.01 9.96
C PRO B 35 20.19 -37.47 9.34
N THR B 36 20.73 -38.17 8.33
CA THR B 36 21.87 -37.70 7.58
C THR B 36 21.50 -36.45 6.79
N PHE B 37 22.18 -35.34 7.07
CA PHE B 37 22.04 -34.13 6.28
C PHE B 37 23.09 -34.14 5.18
N TYR B 38 22.76 -33.55 4.04
CA TYR B 38 23.75 -33.30 3.01
C TYR B 38 23.75 -31.84 2.58
N ARG B 39 24.90 -31.39 2.07
CA ARG B 39 25.15 -29.97 1.85
C ARG B 39 25.39 -29.65 0.37
N GLN B 40 24.83 -28.52 -0.08
CA GLN B 40 25.06 -28.01 -1.42
C GLN B 40 24.90 -26.49 -1.51
N GLU B 41 25.50 -25.90 -2.53
CA GLU B 41 25.41 -24.46 -2.79
C GLU B 41 24.41 -24.21 -3.92
N LEU B 42 23.31 -23.54 -3.58
CA LEU B 42 22.29 -23.16 -4.55
C LEU B 42 22.13 -21.65 -4.57
N ASN B 43 22.46 -21.05 -5.72
CA ASN B 43 22.42 -19.60 -5.90
C ASN B 43 23.27 -18.86 -4.86
N LYS B 44 24.52 -19.32 -4.72
CA LYS B 44 25.52 -18.73 -3.81
C LYS B 44 25.13 -18.76 -2.31
N THR B 45 24.20 -19.63 -1.95
CA THR B 45 23.84 -19.85 -0.55
C THR B 45 23.79 -21.33 -0.21
N ILE B 46 24.34 -21.68 0.95
CA ILE B 46 24.52 -23.06 1.36
C ILE B 46 23.21 -23.64 1.90
N TRP B 47 22.76 -24.74 1.29
CA TRP B 47 21.58 -25.46 1.73
C TRP B 47 22.00 -26.77 2.38
N GLU B 48 21.53 -27.01 3.61
CA GLU B 48 21.78 -28.27 4.30
C GLU B 48 20.44 -28.91 4.60
N VAL B 49 20.18 -30.05 3.97
CA VAL B 49 18.86 -30.69 4.03
C VAL B 49 18.94 -32.19 4.30
N PRO B 50 18.01 -32.71 5.13
CA PRO B 50 17.90 -34.13 5.43
C PRO B 50 17.91 -35.00 4.18
N GLU B 51 18.45 -36.21 4.34
CA GLU B 51 18.59 -37.24 3.29
C GLU B 51 17.36 -37.37 2.38
N ARG B 52 16.18 -37.41 2.98
CA ARG B 52 14.91 -37.59 2.24
C ARG B 52 14.63 -36.54 1.13
N TYR B 53 15.10 -35.31 1.30
CA TYR B 53 14.84 -34.25 0.32
C TYR B 53 15.90 -34.16 -0.77
N GLN B 54 15.69 -34.90 -1.87
CA GLN B 54 16.65 -34.96 -2.97
C GLN B 54 16.25 -34.11 -4.15
N THR B 55 17.20 -33.91 -5.08
CA THR B 55 16.97 -33.19 -6.35
C THR B 55 16.35 -31.81 -6.12
N LEU B 56 16.96 -31.03 -5.25
CA LEU B 56 16.49 -29.67 -4.97
C LEU B 56 16.63 -28.81 -6.20
N SER B 57 15.55 -28.13 -6.56
CA SER B 57 15.57 -27.19 -7.67
C SER B 57 14.87 -25.89 -7.26
N PRO B 58 15.57 -24.75 -7.39
CA PRO B 58 14.95 -23.48 -7.00
C PRO B 58 13.87 -23.06 -7.97
N VAL B 59 12.75 -22.58 -7.44
CA VAL B 59 11.62 -22.16 -8.26
C VAL B 59 11.33 -20.66 -8.18
N GLY B 60 11.47 -20.10 -6.98
CA GLY B 60 11.19 -18.68 -6.77
C GLY B 60 11.53 -18.21 -5.37
N SER B 61 11.55 -16.89 -5.19
CA SER B 61 12.02 -16.29 -3.95
C SER B 61 11.19 -15.08 -3.51
N GLY B 62 11.37 -14.69 -2.25
CA GLY B 62 10.76 -13.49 -1.68
C GLY B 62 11.53 -13.07 -0.44
N ALA B 63 11.35 -11.83 -0.01
CA ALA B 63 12.08 -11.29 1.16
C ALA B 63 12.15 -12.26 2.36
N TYR B 64 11.07 -13.03 2.56
CA TYR B 64 10.98 -14.05 3.61
C TYR B 64 12.11 -15.09 3.52
N GLY B 65 12.26 -15.69 2.34
CA GLY B 65 13.24 -16.76 2.08
C GLY B 65 13.10 -17.39 0.70
N SER B 66 14.08 -18.18 0.30
CA SER B 66 14.06 -18.83 -1.02
C SER B 66 13.38 -20.20 -0.99
N VAL B 67 12.76 -20.60 -2.10
CA VAL B 67 12.02 -21.86 -2.17
C VAL B 67 12.58 -22.82 -3.23
N CYS B 68 12.65 -24.10 -2.86
CA CYS B 68 13.11 -25.17 -3.75
C CYS B 68 12.04 -26.25 -3.89
N SER B 69 11.93 -26.80 -5.09
CA SER B 69 11.18 -28.04 -5.29
C SER B 69 12.07 -29.22 -4.93
N SER B 70 11.48 -30.26 -4.35
CA SER B 70 12.24 -31.43 -3.97
C SER B 70 11.43 -32.72 -4.02
N TYR B 71 12.09 -33.81 -4.39
CA TYR B 71 11.49 -35.12 -4.34
C TYR B 71 11.75 -35.79 -2.99
N ASP B 72 10.75 -35.73 -2.12
CA ASP B 72 10.80 -36.39 -0.82
C ASP B 72 10.70 -37.89 -1.03
N VAL B 73 11.80 -38.60 -0.74
CA VAL B 73 11.88 -40.04 -0.97
C VAL B 73 10.88 -40.82 -0.10
N LYS B 74 10.82 -40.46 1.18
CA LYS B 74 9.97 -41.13 2.17
C LYS B 74 8.52 -41.26 1.70
N SER B 75 7.81 -40.14 1.63
CA SER B 75 6.42 -40.13 1.20
C SER B 75 6.28 -40.15 -0.34
N GLY B 76 7.42 -40.07 -1.04
CA GLY B 76 7.44 -40.12 -2.50
C GLY B 76 6.50 -39.12 -3.15
N LEU B 77 6.76 -37.83 -2.93
CA LEU B 77 5.96 -36.74 -3.51
C LEU B 77 6.84 -35.50 -3.78
N LYS B 78 6.53 -34.78 -4.86
CA LYS B 78 7.23 -33.53 -5.12
C LYS B 78 6.76 -32.47 -4.11
N ILE B 79 7.74 -31.86 -3.44
CA ILE B 79 7.51 -31.09 -2.24
C ILE B 79 8.08 -29.69 -2.40
N ALA B 80 7.74 -28.80 -1.47
CA ALA B 80 8.32 -27.45 -1.44
C ALA B 80 9.16 -27.25 -0.18
N VAL B 81 10.39 -26.80 -0.36
CA VAL B 81 11.31 -26.53 0.76
C VAL B 81 11.81 -25.09 0.72
N LYS B 82 11.54 -24.37 1.80
CA LYS B 82 11.90 -22.96 1.91
C LYS B 82 12.95 -22.73 2.98
N LYS B 83 14.03 -22.06 2.61
CA LYS B 83 15.08 -21.65 3.55
C LYS B 83 14.94 -20.15 3.88
N LEU B 84 14.67 -19.85 5.15
CA LEU B 84 14.47 -18.47 5.60
C LEU B 84 15.72 -17.59 5.45
N SER B 85 15.52 -16.39 4.90
CA SER B 85 16.61 -15.43 4.76
C SER B 85 16.97 -14.82 6.11
N ARG B 86 18.24 -14.95 6.49
CA ARG B 86 18.78 -14.42 7.74
C ARG B 86 17.72 -14.28 8.84
N PRO B 87 17.17 -15.42 9.32
CA PRO B 87 15.96 -15.44 10.15
C PRO B 87 16.05 -14.75 11.52
N PHE B 88 17.26 -14.57 12.03
CA PHE B 88 17.44 -13.92 13.35
C PHE B 88 18.38 -12.70 13.30
N GLN B 89 18.29 -11.90 12.24
CA GLN B 89 19.13 -10.72 12.15
C GLN B 89 18.71 -9.66 13.16
N SER B 90 17.40 -9.45 13.25
CA SER B 90 16.82 -8.42 14.09
C SER B 90 15.62 -8.99 14.82
N ILE B 91 14.96 -8.17 15.64
CA ILE B 91 13.74 -8.57 16.35
C ILE B 91 12.63 -8.92 15.35
N ILE B 92 12.50 -8.10 14.31
CA ILE B 92 11.47 -8.26 13.30
C ILE B 92 11.64 -9.57 12.50
N HIS B 93 12.86 -9.85 12.05
CA HIS B 93 13.17 -11.12 11.41
C HIS B 93 12.88 -12.31 12.33
N ALA B 94 13.22 -12.16 13.62
CA ALA B 94 13.07 -13.23 14.60
C ALA B 94 11.61 -13.55 14.92
N LYS B 95 10.81 -12.52 15.15
CA LYS B 95 9.38 -12.67 15.45
C LYS B 95 8.67 -13.22 14.20
N ARG B 96 9.03 -12.66 13.06
CA ARG B 96 8.55 -13.09 11.75
C ARG B 96 8.74 -14.60 11.55
N THR B 97 9.95 -15.06 11.83
CA THR B 97 10.32 -16.46 11.72
C THR B 97 9.42 -17.30 12.63
N TYR B 98 9.32 -16.89 13.89
CA TYR B 98 8.47 -17.58 14.86
C TYR B 98 7.00 -17.62 14.40
N ARG B 99 6.46 -16.46 14.01
CA ARG B 99 5.06 -16.36 13.57
C ARG B 99 4.74 -17.35 12.46
N GLU B 100 5.54 -17.37 11.39
CA GLU B 100 5.31 -18.28 10.28
C GLU B 100 5.30 -19.74 10.73
N LEU B 101 6.19 -20.06 11.68
CA LEU B 101 6.27 -21.39 12.22
C LEU B 101 5.02 -21.75 13.02
N ARG B 102 4.57 -20.84 13.88
CA ARG B 102 3.31 -21.06 14.60
C ARG B 102 2.07 -21.17 13.68
N LEU B 103 2.03 -20.33 12.64
CA LEU B 103 0.87 -20.23 11.75
C LEU B 103 0.63 -21.53 11.00
N LEU B 104 1.63 -21.95 10.23
CA LEU B 104 1.50 -23.13 9.38
C LEU B 104 1.43 -24.39 10.22
N LYS B 105 1.91 -24.31 11.45
CA LYS B 105 1.73 -25.38 12.42
C LYS B 105 0.25 -25.47 12.81
N HIS B 106 -0.38 -24.32 13.01
CA HIS B 106 -1.78 -24.28 13.40
C HIS B 106 -2.75 -24.58 12.25
N MET B 107 -2.43 -24.08 11.05
CA MET B 107 -3.30 -24.22 9.89
C MET B 107 -3.43 -25.67 9.45
N LYS B 108 -4.59 -26.25 9.72
CA LYS B 108 -4.87 -27.62 9.32
C LYS B 108 -6.21 -27.71 8.60
N HIS B 109 -6.16 -27.46 7.30
CA HIS B 109 -7.32 -27.36 6.43
C HIS B 109 -6.81 -27.62 5.03
N GLU B 110 -7.51 -28.42 4.25
CA GLU B 110 -6.96 -28.90 3.00
C GLU B 110 -6.91 -27.84 1.89
N ASN B 111 -7.42 -26.65 2.20
CA ASN B 111 -7.36 -25.53 1.27
C ASN B 111 -6.39 -24.45 1.73
N VAL B 112 -5.72 -24.74 2.83
CA VAL B 112 -4.79 -23.80 3.44
C VAL B 112 -3.44 -24.52 3.56
N ILE B 113 -2.41 -23.92 2.98
CA ILE B 113 -1.05 -24.44 3.09
C ILE B 113 -0.70 -24.79 4.55
N GLY B 114 -0.14 -25.98 4.73
CA GLY B 114 0.18 -26.52 6.05
C GLY B 114 1.61 -27.03 6.13
N LEU B 115 2.15 -27.06 7.34
CA LEU B 115 3.53 -27.46 7.54
C LEU B 115 3.68 -28.98 7.57
N LEU B 116 4.44 -29.50 6.61
CA LEU B 116 4.73 -30.93 6.54
C LEU B 116 5.98 -31.26 7.34
N ASP B 117 6.95 -30.35 7.34
CA ASP B 117 8.20 -30.52 8.07
C ASP B 117 8.86 -29.16 8.33
N VAL B 118 9.54 -29.06 9.47
CA VAL B 118 10.48 -27.97 9.73
C VAL B 118 11.76 -28.58 10.29
N PHE B 119 12.92 -28.09 9.83
CA PHE B 119 14.21 -28.64 10.26
C PHE B 119 15.42 -27.66 10.32
N THR B 120 16.45 -28.08 11.05
CA THR B 120 17.67 -27.31 11.18
C THR B 120 18.87 -28.25 11.27
N PRO B 121 19.97 -27.88 10.60
CA PRO B 121 21.23 -28.61 10.70
C PRO B 121 21.92 -28.35 12.04
N ALA B 122 21.54 -27.26 12.69
CA ALA B 122 22.01 -26.95 14.05
C ALA B 122 21.68 -28.05 15.05
N THR B 123 22.59 -28.24 16.02
CA THR B 123 22.44 -29.26 17.06
C THR B 123 22.46 -28.69 18.49
N SER B 124 22.39 -27.37 18.60
CA SER B 124 22.25 -26.68 19.89
C SER B 124 21.78 -25.25 19.65
N LEU B 125 21.10 -24.69 20.66
CA LEU B 125 20.54 -23.36 20.58
C LEU B 125 21.58 -22.28 20.26
N GLU B 126 22.81 -22.42 20.75
CA GLU B 126 23.85 -21.43 20.49
C GLU B 126 24.27 -21.46 19.01
N GLU B 127 24.39 -22.67 18.47
CA GLU B 127 24.69 -22.90 17.06
C GLU B 127 23.53 -22.43 16.17
N PHE B 128 22.31 -22.75 16.60
CA PHE B 128 21.08 -22.55 15.84
C PHE B 128 20.97 -21.21 15.11
N ASN B 129 21.03 -21.25 13.78
CA ASN B 129 20.99 -20.03 12.97
C ASN B 129 20.41 -20.20 11.56
N ASP B 130 19.88 -21.38 11.27
CA ASP B 130 19.26 -21.65 9.97
C ASP B 130 17.99 -22.47 10.13
N VAL B 131 16.94 -22.07 9.44
CA VAL B 131 15.67 -22.79 9.57
C VAL B 131 14.95 -23.02 8.23
N TYR B 132 14.50 -24.25 8.04
CA TYR B 132 13.85 -24.67 6.80
C TYR B 132 12.42 -25.09 7.07
N LEU B 133 11.52 -24.70 6.17
CA LEU B 133 10.10 -25.03 6.31
C LEU B 133 9.63 -25.80 5.10
N VAL B 134 8.87 -26.86 5.33
CA VAL B 134 8.44 -27.74 4.24
C VAL B 134 6.92 -27.81 4.14
N THR B 135 6.41 -27.61 2.92
CA THR B 135 5.00 -27.77 2.60
C THR B 135 4.82 -28.57 1.30
N HIS B 136 3.57 -28.68 0.86
CA HIS B 136 3.30 -29.22 -0.48
C HIS B 136 3.71 -28.20 -1.53
N LEU B 137 3.93 -28.67 -2.75
CA LEU B 137 4.26 -27.81 -3.89
C LEU B 137 3.04 -27.65 -4.79
N MET B 138 2.75 -26.40 -5.17
CA MET B 138 1.57 -26.10 -5.98
C MET B 138 1.89 -25.96 -7.47
N GLY B 139 2.67 -24.94 -7.82
CA GLY B 139 3.16 -24.80 -9.19
C GLY B 139 2.36 -23.96 -10.16
N ALA B 140 1.34 -23.24 -9.66
CA ALA B 140 0.62 -22.25 -10.48
C ALA B 140 0.04 -21.09 -9.65
N ASP B 141 0.63 -19.91 -9.84
CA ASP B 141 0.21 -18.67 -9.19
C ASP B 141 -1.12 -18.18 -9.76
N LEU B 142 -1.73 -17.21 -9.08
CA LEU B 142 -2.95 -16.57 -9.56
C LEU B 142 -2.72 -15.95 -10.94
N ASN B 143 -1.60 -15.23 -11.08
CA ASN B 143 -1.23 -14.62 -12.36
C ASN B 143 -0.90 -15.63 -13.46
N ASN B 144 -0.92 -16.91 -13.10
CA ASN B 144 -0.73 -17.99 -14.07
C ASN B 144 -2.02 -18.75 -14.35
N ILE B 145 -3.03 -18.55 -13.51
CA ILE B 145 -4.31 -19.23 -13.63
C ILE B 145 -5.23 -18.49 -14.59
N VAL B 146 -5.10 -17.16 -14.59
CA VAL B 146 -5.83 -16.29 -15.49
C VAL B 146 -5.59 -16.72 -16.94
N LYS B 147 -4.32 -16.65 -17.34
CA LYS B 147 -3.89 -16.91 -18.73
C LYS B 147 -4.06 -18.38 -19.12
N CYS B 148 -4.28 -19.23 -18.12
CA CYS B 148 -4.52 -20.67 -18.33
C CYS B 148 -5.86 -20.83 -19.06
N GLN B 149 -5.85 -20.49 -20.35
CA GLN B 149 -7.04 -20.06 -21.10
C GLN B 149 -8.30 -20.95 -21.01
N LYS B 150 -8.24 -22.16 -21.57
CA LYS B 150 -9.46 -22.98 -21.77
C LYS B 150 -9.96 -23.74 -20.52
N LEU B 151 -10.76 -23.04 -19.72
CA LEU B 151 -11.31 -23.55 -18.46
C LEU B 151 -12.82 -23.70 -18.56
N THR B 152 -13.30 -24.91 -18.33
CA THR B 152 -14.75 -25.15 -18.21
C THR B 152 -15.35 -24.31 -17.08
N ASP B 153 -16.68 -24.23 -17.04
CA ASP B 153 -17.38 -23.60 -15.92
C ASP B 153 -17.13 -24.41 -14.64
N ASP B 154 -16.96 -25.73 -14.79
CA ASP B 154 -16.67 -26.63 -13.67
C ASP B 154 -15.40 -26.21 -12.91
N HIS B 155 -14.33 -25.89 -13.65
CA HIS B 155 -13.09 -25.44 -13.02
C HIS B 155 -13.34 -24.22 -12.13
N VAL B 156 -14.15 -23.28 -12.61
CA VAL B 156 -14.47 -22.06 -11.88
C VAL B 156 -15.22 -22.35 -10.58
N GLN B 157 -16.27 -23.17 -10.65
CA GLN B 157 -16.99 -23.61 -9.45
C GLN B 157 -16.03 -24.14 -8.40
N PHE B 158 -15.13 -25.01 -8.84
CA PHE B 158 -14.20 -25.72 -7.98
C PHE B 158 -13.13 -24.81 -7.40
N LEU B 159 -12.51 -24.00 -8.26
CA LEU B 159 -11.54 -22.99 -7.81
C LEU B 159 -12.17 -22.05 -6.76
N ILE B 160 -13.28 -21.42 -7.11
CA ILE B 160 -13.96 -20.47 -6.21
C ILE B 160 -14.49 -21.12 -4.92
N TYR B 161 -15.02 -22.34 -5.02
CA TYR B 161 -15.46 -23.09 -3.85
C TYR B 161 -14.33 -23.30 -2.83
N GLN B 162 -13.11 -23.49 -3.32
CA GLN B 162 -11.98 -23.85 -2.46
C GLN B 162 -11.40 -22.65 -1.73
N ILE B 163 -11.50 -21.49 -2.37
CA ILE B 163 -11.06 -20.23 -1.77
C ILE B 163 -12.03 -19.85 -0.66
N LEU B 164 -13.32 -20.03 -0.94
CA LEU B 164 -14.39 -19.76 0.04
C LEU B 164 -14.34 -20.72 1.23
N ARG B 165 -14.08 -21.99 0.95
CA ARG B 165 -13.86 -22.98 2.01
C ARG B 165 -12.65 -22.56 2.87
N GLY B 166 -11.57 -22.20 2.19
CA GLY B 166 -10.39 -21.60 2.83
C GLY B 166 -10.74 -20.40 3.69
N LEU B 167 -11.27 -19.35 3.07
CA LEU B 167 -11.59 -18.10 3.76
C LEU B 167 -12.45 -18.27 5.00
N LYS B 168 -13.47 -19.14 4.92
CA LYS B 168 -14.28 -19.46 6.09
C LYS B 168 -13.36 -19.91 7.22
N TYR B 169 -12.54 -20.92 6.92
CA TYR B 169 -11.57 -21.43 7.90
C TYR B 169 -10.63 -20.34 8.36
N ILE B 170 -10.08 -19.57 7.42
CA ILE B 170 -9.14 -18.49 7.74
C ILE B 170 -9.75 -17.40 8.63
N HIS B 171 -10.87 -16.83 8.20
CA HIS B 171 -11.54 -15.81 8.99
C HIS B 171 -11.85 -16.28 10.42
N SER B 172 -12.17 -17.56 10.57
CA SER B 172 -12.54 -18.13 11.87
C SER B 172 -11.37 -18.25 12.85
N ALA B 173 -10.15 -18.24 12.31
CA ALA B 173 -8.94 -18.26 13.14
C ALA B 173 -8.58 -16.90 13.74
N ASP B 174 -9.28 -15.84 13.31
CA ASP B 174 -9.04 -14.48 13.83
C ASP B 174 -7.54 -14.15 13.88
N ILE B 175 -6.86 -14.23 12.73
CA ILE B 175 -5.42 -14.15 12.70
C ILE B 175 -4.97 -12.71 12.66
N ILE B 176 -4.30 -12.28 13.73
CA ILE B 176 -3.92 -10.89 13.93
C ILE B 176 -3.06 -10.34 12.78
N HIS B 177 -2.01 -11.07 12.41
CA HIS B 177 -1.14 -10.65 11.30
C HIS B 177 -1.60 -11.31 10.00
N ARG B 178 -1.82 -10.49 8.98
CA ARG B 178 -2.44 -10.99 7.76
C ARG B 178 -1.41 -11.52 6.77
N ASP B 179 -1.35 -12.84 6.65
CA ASP B 179 -0.49 -13.48 5.65
C ASP B 179 -1.31 -14.36 4.69
N LEU B 180 -2.50 -14.77 5.11
CA LEU B 180 -3.36 -15.61 4.26
C LEU B 180 -4.49 -14.81 3.62
N LYS B 181 -4.47 -14.76 2.29
CA LYS B 181 -5.36 -13.92 1.47
C LYS B 181 -5.82 -14.69 0.25
N PRO B 182 -6.99 -14.33 -0.32
CA PRO B 182 -7.47 -14.84 -1.60
C PRO B 182 -6.43 -14.77 -2.72
N SER B 183 -5.80 -13.61 -2.88
CA SER B 183 -4.84 -13.36 -3.97
C SER B 183 -3.57 -14.21 -3.83
N ASN B 184 -3.39 -14.80 -2.65
CA ASN B 184 -2.28 -15.68 -2.37
C ASN B 184 -2.54 -17.13 -2.77
N LEU B 185 -3.62 -17.38 -3.50
CA LEU B 185 -3.99 -18.74 -3.87
C LEU B 185 -2.98 -19.35 -4.83
N ALA B 186 -2.83 -20.66 -4.76
CA ALA B 186 -1.95 -21.40 -5.66
C ALA B 186 -2.61 -22.73 -6.04
N VAL B 187 -2.29 -23.19 -7.25
CA VAL B 187 -3.02 -24.30 -7.87
C VAL B 187 -2.08 -25.32 -8.53
N ASN B 188 -2.39 -26.61 -8.35
CA ASN B 188 -1.73 -27.65 -9.12
C ASN B 188 -2.59 -28.04 -10.33
N GLU B 189 -2.07 -28.90 -11.19
CA GLU B 189 -2.64 -29.09 -12.55
C GLU B 189 -4.06 -29.65 -12.63
N ASP B 190 -4.48 -30.41 -11.62
CA ASP B 190 -5.85 -30.92 -11.58
C ASP B 190 -6.80 -29.95 -10.85
N CYS B 191 -6.46 -28.67 -10.91
CA CYS B 191 -7.18 -27.57 -10.25
C CYS B 191 -7.39 -27.68 -8.72
N GLU B 192 -6.48 -28.37 -8.05
CA GLU B 192 -6.53 -28.43 -6.60
C GLU B 192 -5.85 -27.19 -6.01
N LEU B 193 -6.54 -26.52 -5.09
CA LEU B 193 -6.17 -25.16 -4.66
C LEU B 193 -5.82 -25.05 -3.18
N LYS B 194 -4.79 -24.25 -2.90
CA LYS B 194 -4.36 -23.96 -1.54
C LYS B 194 -3.96 -22.49 -1.44
N ILE B 195 -4.31 -21.86 -0.32
CA ILE B 195 -3.92 -20.47 -0.06
C ILE B 195 -2.57 -20.40 0.67
N LEU B 196 -1.58 -19.79 0.02
CA LEU B 196 -0.24 -19.67 0.58
C LEU B 196 -0.07 -18.38 1.40
N ASP B 197 1.07 -18.25 2.08
CA ASP B 197 1.34 -17.09 2.93
C ASP B 197 2.12 -15.97 2.24
N PHE B 198 1.87 -15.79 0.93
CA PHE B 198 2.53 -14.76 0.11
C PHE B 198 1.93 -14.78 -1.31
N GLY B 199 2.21 -13.74 -2.09
CA GLY B 199 1.69 -13.63 -3.46
C GLY B 199 2.57 -12.83 -4.40
N TYR B 217 4.46 6.12 10.49
CA TYR B 217 3.83 7.24 9.72
C TYR B 217 2.38 6.96 9.36
N ARG B 218 2.02 5.68 9.25
CA ARG B 218 0.65 5.30 8.97
C ARG B 218 -0.27 5.75 10.10
N ALA B 219 -1.45 6.26 9.74
CA ALA B 219 -2.41 6.75 10.71
C ALA B 219 -3.28 5.60 11.22
N PRO B 220 -3.73 5.67 12.48
CA PRO B 220 -4.60 4.63 13.04
C PRO B 220 -5.89 4.38 12.23
N GLU B 221 -6.53 5.43 11.72
CA GLU B 221 -7.79 5.27 10.99
C GLU B 221 -7.69 4.34 9.80
N ILE B 222 -6.48 4.22 9.24
CA ILE B 222 -6.22 3.36 8.11
C ILE B 222 -6.20 1.90 8.53
N MET B 223 -5.48 1.59 9.61
CA MET B 223 -5.32 0.20 10.01
C MET B 223 -6.53 -0.28 10.83
N LEU B 224 -7.15 0.64 11.55
CA LEU B 224 -8.44 0.40 12.18
C LEU B 224 -9.45 -0.06 11.14
N ASN B 225 -9.47 0.64 10.01
CA ASN B 225 -10.28 0.27 8.83
C ASN B 225 -9.93 -1.11 8.25
N TRP B 226 -8.63 -1.43 8.15
CA TRP B 226 -8.20 -2.76 7.74
C TRP B 226 -8.93 -3.81 8.56
N MET B 227 -8.76 -3.71 9.88
CA MET B 227 -9.38 -4.63 10.82
C MET B 227 -10.86 -4.71 10.60
N HIS B 228 -11.46 -3.55 10.34
CA HIS B 228 -12.90 -3.48 10.25
C HIS B 228 -13.39 -4.32 9.08
N TYR B 229 -12.76 -4.14 7.92
CA TYR B 229 -13.26 -4.72 6.68
C TYR B 229 -12.44 -5.90 6.17
N ASN B 230 -11.56 -6.44 7.02
CA ASN B 230 -10.63 -7.47 6.59
C ASN B 230 -11.31 -8.69 6.00
N MET B 231 -12.52 -9.00 6.49
CA MET B 231 -13.33 -10.07 5.90
C MET B 231 -14.08 -9.62 4.64
N THR B 232 -14.67 -8.43 4.66
CA THR B 232 -15.43 -7.97 3.49
C THR B 232 -14.55 -7.75 2.27
N VAL B 233 -13.33 -7.23 2.46
CA VAL B 233 -12.44 -7.08 1.30
C VAL B 233 -12.07 -8.42 0.70
N ASP B 234 -12.05 -9.47 1.52
CA ASP B 234 -11.68 -10.80 1.04
C ASP B 234 -12.68 -11.27 0.00
N ILE B 235 -13.97 -11.10 0.30
CA ILE B 235 -15.02 -11.50 -0.64
C ILE B 235 -15.03 -10.61 -1.88
N TRP B 236 -14.57 -9.37 -1.75
CA TRP B 236 -14.41 -8.53 -2.93
C TRP B 236 -13.34 -9.08 -3.87
N SER B 237 -12.21 -9.51 -3.30
CA SER B 237 -11.11 -10.10 -4.07
C SER B 237 -11.56 -11.35 -4.83
N VAL B 238 -12.23 -12.26 -4.12
CA VAL B 238 -12.76 -13.48 -4.73
C VAL B 238 -13.71 -13.13 -5.89
N GLY B 239 -14.64 -12.20 -5.63
CA GLY B 239 -15.54 -11.68 -6.65
C GLY B 239 -14.76 -11.25 -7.87
N CYS B 240 -13.75 -10.41 -7.64
CA CYS B 240 -12.87 -9.96 -8.72
C CYS B 240 -12.16 -11.11 -9.44
N ILE B 241 -11.59 -12.04 -8.66
CA ILE B 241 -10.93 -13.22 -9.23
C ILE B 241 -11.87 -14.06 -10.11
N MET B 242 -13.04 -14.43 -9.59
CA MET B 242 -14.05 -15.17 -10.34
C MET B 242 -14.39 -14.47 -11.64
N ALA B 243 -14.55 -13.15 -11.58
CA ALA B 243 -14.92 -12.35 -12.75
C ALA B 243 -13.95 -12.55 -13.90
N GLU B 244 -12.66 -12.46 -13.55
CA GLU B 244 -11.55 -12.66 -14.47
C GLU B 244 -11.53 -14.09 -15.02
N LEU B 245 -11.80 -15.07 -14.15
CA LEU B 245 -11.78 -16.46 -14.58
C LEU B 245 -12.82 -16.70 -15.68
N LEU B 246 -13.98 -16.08 -15.53
CA LEU B 246 -15.06 -16.22 -16.50
C LEU B 246 -14.79 -15.45 -17.79
N THR B 247 -14.18 -14.27 -17.66
CA THR B 247 -13.90 -13.41 -18.81
C THR B 247 -12.46 -13.55 -19.34
N GLY B 248 -11.49 -13.13 -18.54
CA GLY B 248 -10.09 -13.11 -18.97
C GLY B 248 -9.54 -11.70 -19.02
N ARG B 249 -10.45 -10.73 -18.88
CA ARG B 249 -10.09 -9.33 -18.72
C ARG B 249 -10.23 -8.94 -17.26
N THR B 250 -9.44 -7.95 -16.83
CA THR B 250 -9.60 -7.34 -15.52
C THR B 250 -10.97 -6.70 -15.43
N LEU B 251 -11.66 -6.95 -14.33
CA LEU B 251 -12.99 -6.39 -14.10
C LEU B 251 -12.97 -4.87 -13.99
N PHE B 252 -12.22 -4.33 -13.04
CA PHE B 252 -12.23 -2.89 -12.76
C PHE B 252 -10.91 -2.21 -13.11
N PRO B 253 -10.67 -1.96 -14.42
CA PRO B 253 -9.43 -1.30 -14.79
C PRO B 253 -9.51 0.20 -14.51
N GLY B 254 -8.52 0.71 -13.77
CA GLY B 254 -8.44 2.14 -13.51
C GLY B 254 -7.47 2.82 -14.45
N THR B 255 -7.41 4.14 -14.37
CA THR B 255 -6.24 4.88 -14.85
C THR B 255 -5.34 5.00 -13.64
N ASP B 256 -5.96 5.01 -12.47
CA ASP B 256 -5.30 5.12 -11.18
C ASP B 256 -6.27 4.57 -10.14
N HIS B 257 -5.85 4.55 -8.88
CA HIS B 257 -6.62 3.90 -7.82
C HIS B 257 -7.89 4.61 -7.35
N ILE B 258 -7.87 5.93 -7.35
CA ILE B 258 -9.06 6.69 -7.00
C ILE B 258 -10.09 6.62 -8.14
N ASN B 259 -9.60 6.62 -9.38
CA ASN B 259 -10.43 6.46 -10.57
C ASN B 259 -11.09 5.09 -10.61
N GLN B 260 -10.42 4.10 -10.00
CA GLN B 260 -10.99 2.76 -9.87
C GLN B 260 -12.31 2.74 -9.08
N LEU B 261 -12.44 3.62 -8.10
CA LEU B 261 -13.67 3.71 -7.32
C LEU B 261 -14.84 4.12 -8.23
N GLN B 262 -14.53 4.98 -9.19
CA GLN B 262 -15.50 5.47 -10.15
C GLN B 262 -15.89 4.34 -11.11
N GLN B 263 -14.92 3.52 -11.47
CA GLN B 263 -15.16 2.35 -12.29
C GLN B 263 -16.05 1.31 -11.58
N ILE B 264 -15.75 1.07 -10.30
CA ILE B 264 -16.50 0.11 -9.49
C ILE B 264 -17.97 0.52 -9.42
N MET B 265 -18.22 1.80 -9.16
CA MET B 265 -19.57 2.32 -8.97
C MET B 265 -20.47 2.19 -10.22
N ARG B 266 -19.86 2.18 -11.40
CA ARG B 266 -20.57 1.87 -12.65
C ARG B 266 -21.39 0.59 -12.52
N LEU B 267 -20.81 -0.45 -11.92
CA LEU B 267 -21.51 -1.70 -11.64
C LEU B 267 -22.29 -1.70 -10.33
N THR B 268 -21.71 -1.11 -9.28
CA THR B 268 -22.24 -1.25 -7.93
C THR B 268 -23.19 -0.13 -7.55
N GLY B 269 -23.19 0.94 -8.34
CA GLY B 269 -23.91 2.13 -7.94
C GLY B 269 -23.16 2.90 -6.87
N THR B 270 -23.78 3.97 -6.41
CA THR B 270 -23.13 4.94 -5.56
C THR B 270 -23.42 4.61 -4.10
N PRO B 271 -22.50 5.00 -3.19
CA PRO B 271 -22.57 4.64 -1.77
C PRO B 271 -23.86 5.15 -1.11
N PRO B 272 -24.23 4.55 0.04
CA PRO B 272 -25.43 5.00 0.72
C PRO B 272 -25.27 6.44 1.20
N ALA B 273 -26.36 7.09 1.58
CA ALA B 273 -26.27 8.48 2.01
C ALA B 273 -25.35 8.59 3.23
N SER B 274 -25.38 7.57 4.09
CA SER B 274 -24.61 7.58 5.33
C SER B 274 -23.10 7.67 5.05
N VAL B 275 -22.64 6.93 4.05
CA VAL B 275 -21.24 6.98 3.63
C VAL B 275 -20.88 8.32 2.99
N ILE B 276 -21.84 8.93 2.29
CA ILE B 276 -21.63 10.18 1.57
C ILE B 276 -21.65 11.41 2.47
N SER B 277 -22.63 11.50 3.36
CA SER B 277 -22.84 12.69 4.18
C SER B 277 -21.67 12.98 5.14
N ARG B 278 -20.68 12.11 5.16
CA ARG B 278 -19.53 12.33 6.02
C ARG B 278 -18.18 12.30 5.32
N MET B 279 -18.15 12.68 4.05
CA MET B 279 -16.88 12.93 3.38
C MET B 279 -16.36 14.29 3.85
N PRO B 280 -15.04 14.50 3.78
CA PRO B 280 -14.46 15.70 4.39
C PRO B 280 -14.67 17.00 3.61
N SER B 281 -15.19 16.91 2.38
CA SER B 281 -15.49 18.09 1.58
C SER B 281 -16.73 17.86 0.73
N HIS B 282 -17.21 18.92 0.07
CA HIS B 282 -18.32 18.82 -0.86
C HIS B 282 -17.87 18.33 -2.22
N GLU B 283 -16.59 18.55 -2.53
CA GLU B 283 -16.00 18.06 -3.78
C GLU B 283 -15.76 16.56 -3.73
N ALA B 284 -15.49 16.06 -2.53
CA ALA B 284 -15.41 14.62 -2.32
C ALA B 284 -16.81 14.03 -2.43
N ARG B 285 -17.80 14.70 -1.83
CA ARG B 285 -19.20 14.26 -1.90
C ARG B 285 -19.63 14.14 -3.36
N ASN B 286 -19.13 15.08 -4.18
CA ASN B 286 -19.43 15.12 -5.61
C ASN B 286 -18.81 13.99 -6.41
N TYR B 287 -17.64 13.53 -6.01
CA TYR B 287 -16.96 12.42 -6.69
C TYR B 287 -17.74 11.10 -6.57
N ILE B 288 -18.27 10.85 -5.37
CA ILE B 288 -18.92 9.57 -5.10
C ILE B 288 -20.45 9.57 -5.09
N ASN B 289 -21.08 10.76 -5.17
CA ASN B 289 -22.55 10.81 -5.17
C ASN B 289 -23.19 10.70 -6.56
N SER B 290 -22.37 10.74 -7.59
CA SER B 290 -22.85 10.66 -8.96
C SER B 290 -21.88 9.94 -9.88
N LEU B 291 -22.41 9.07 -10.73
CA LEU B 291 -21.64 8.58 -11.87
C LEU B 291 -21.60 9.70 -12.90
N PRO B 292 -20.48 9.84 -13.64
CA PRO B 292 -20.53 10.67 -14.85
C PRO B 292 -21.17 9.90 -16.00
N GLN B 293 -21.66 10.60 -17.02
CA GLN B 293 -22.43 9.89 -18.05
C GLN B 293 -21.55 9.10 -19.03
N MET B 294 -21.20 7.90 -18.59
CA MET B 294 -20.52 6.92 -19.42
C MET B 294 -21.56 5.88 -19.90
N PRO B 295 -21.20 5.05 -20.90
CA PRO B 295 -22.07 3.95 -21.31
C PRO B 295 -22.62 3.18 -20.11
N LYS B 296 -23.89 2.80 -20.17
CA LYS B 296 -24.48 1.99 -19.12
C LYS B 296 -23.92 0.57 -19.21
N ARG B 297 -23.46 0.04 -18.08
CA ARG B 297 -23.02 -1.35 -18.01
C ARG B 297 -23.63 -2.11 -16.84
N ASN B 298 -24.03 -3.35 -17.10
CA ASN B 298 -24.74 -4.17 -16.13
C ASN B 298 -24.20 -5.59 -16.08
N PHE B 299 -24.33 -6.23 -14.91
CA PHE B 299 -23.76 -7.55 -14.64
C PHE B 299 -24.07 -8.59 -15.72
N ALA B 300 -25.34 -8.64 -16.14
CA ALA B 300 -25.78 -9.55 -17.19
C ALA B 300 -24.99 -9.37 -18.49
N ASP B 301 -24.70 -8.11 -18.82
CA ASP B 301 -23.89 -7.80 -20.00
C ASP B 301 -22.47 -8.31 -19.86
N VAL B 302 -21.75 -7.84 -18.84
CA VAL B 302 -20.34 -8.19 -18.64
C VAL B 302 -20.09 -9.70 -18.71
N PHE B 303 -20.91 -10.47 -18.01
CA PHE B 303 -20.72 -11.92 -17.92
C PHE B 303 -21.76 -12.65 -18.79
N ILE B 304 -21.68 -12.34 -20.08
CA ILE B 304 -22.68 -12.75 -21.07
C ILE B 304 -22.73 -14.27 -21.29
N GLY B 305 -21.60 -14.88 -21.64
CA GLY B 305 -21.55 -16.33 -21.89
C GLY B 305 -21.55 -17.17 -20.63
N ALA B 306 -21.48 -16.52 -19.47
CA ALA B 306 -21.30 -17.18 -18.20
C ALA B 306 -22.56 -17.89 -17.70
N ASN B 307 -22.35 -18.98 -16.98
CA ASN B 307 -23.42 -19.64 -16.26
C ASN B 307 -24.19 -18.57 -15.49
N PRO B 308 -25.53 -18.49 -15.69
CA PRO B 308 -26.33 -17.45 -15.05
C PRO B 308 -26.28 -17.50 -13.52
N LEU B 309 -25.98 -18.66 -12.95
CA LEU B 309 -25.83 -18.80 -11.50
C LEU B 309 -24.52 -18.20 -11.03
N ALA B 310 -23.52 -18.22 -11.92
CA ALA B 310 -22.26 -17.54 -11.68
C ALA B 310 -22.50 -16.02 -11.56
N VAL B 311 -23.37 -15.50 -12.42
CA VAL B 311 -23.76 -14.10 -12.44
C VAL B 311 -24.51 -13.74 -11.16
N ASP B 312 -25.41 -14.63 -10.74
CA ASP B 312 -26.16 -14.42 -9.51
C ASP B 312 -25.22 -14.25 -8.33
N LEU B 313 -24.26 -15.17 -8.20
CA LEU B 313 -23.29 -15.13 -7.11
C LEU B 313 -22.47 -13.83 -7.11
N LEU B 314 -22.07 -13.39 -8.30
CA LEU B 314 -21.26 -12.18 -8.45
C LEU B 314 -22.01 -10.92 -8.04
N GLU B 315 -23.31 -10.88 -8.35
CA GLU B 315 -24.19 -9.79 -7.92
C GLU B 315 -24.42 -9.79 -6.41
N LYS B 316 -23.95 -10.83 -5.73
CA LYS B 316 -24.04 -10.87 -4.29
C LYS B 316 -22.66 -10.64 -3.66
N MET B 317 -21.61 -10.81 -4.46
CA MET B 317 -20.23 -10.57 -4.02
C MET B 317 -19.84 -9.13 -4.29
N LEU B 318 -19.98 -8.72 -5.55
CA LEU B 318 -19.62 -7.38 -5.97
C LEU B 318 -20.71 -6.36 -5.62
N VAL B 319 -20.97 -6.26 -4.32
CA VAL B 319 -21.87 -5.27 -3.76
C VAL B 319 -21.03 -4.26 -2.97
N LEU B 320 -21.32 -2.98 -3.17
CA LEU B 320 -20.60 -1.93 -2.46
C LEU B 320 -20.85 -1.93 -0.96
N ASP B 321 -22.13 -1.96 -0.56
CA ASP B 321 -22.52 -1.96 0.85
C ASP B 321 -21.93 -3.19 1.54
N THR B 322 -20.90 -2.95 2.36
CA THR B 322 -20.18 -4.00 3.07
C THR B 322 -21.06 -4.94 3.91
N ASP B 323 -22.20 -4.45 4.36
CA ASP B 323 -23.14 -5.22 5.18
C ASP B 323 -23.98 -6.18 4.36
N LYS B 324 -24.42 -5.73 3.19
CA LYS B 324 -25.30 -6.52 2.35
C LYS B 324 -24.49 -7.59 1.63
N ARG B 325 -23.21 -7.30 1.43
CA ARG B 325 -22.29 -8.20 0.74
C ARG B 325 -22.37 -9.61 1.30
N ILE B 326 -22.21 -10.61 0.43
CA ILE B 326 -22.27 -12.00 0.86
C ILE B 326 -21.01 -12.38 1.65
N THR B 327 -21.19 -13.21 2.67
CA THR B 327 -20.11 -13.72 3.49
C THR B 327 -19.62 -15.03 2.88
N ALA B 328 -18.42 -15.46 3.27
CA ALA B 328 -17.83 -16.71 2.80
C ALA B 328 -18.76 -17.89 2.98
N SER B 329 -19.30 -18.07 4.19
CA SER B 329 -20.15 -19.21 4.50
C SER B 329 -21.51 -19.14 3.83
N GLU B 330 -21.97 -17.92 3.57
CA GLU B 330 -23.22 -17.74 2.83
C GLU B 330 -22.96 -18.08 1.37
N ALA B 331 -21.81 -17.65 0.86
CA ALA B 331 -21.42 -17.93 -0.53
C ALA B 331 -21.30 -19.42 -0.81
N LEU B 332 -20.94 -20.20 0.22
CA LEU B 332 -20.88 -21.65 0.11
C LEU B 332 -22.26 -22.26 -0.13
N ALA B 333 -23.25 -21.80 0.65
CA ALA B 333 -24.64 -22.28 0.56
C ALA B 333 -25.36 -21.94 -0.75
N HIS B 334 -24.78 -21.04 -1.52
CA HIS B 334 -25.36 -20.52 -2.76
C HIS B 334 -25.42 -21.62 -3.84
N PRO B 335 -26.56 -21.71 -4.56
CA PRO B 335 -26.83 -22.74 -5.59
C PRO B 335 -25.69 -23.05 -6.57
N TYR B 336 -24.79 -22.09 -6.80
CA TYR B 336 -23.74 -22.22 -7.81
C TYR B 336 -22.73 -23.35 -7.52
N PHE B 337 -22.52 -23.66 -6.24
CA PHE B 337 -21.69 -24.81 -5.88
C PHE B 337 -22.56 -25.92 -5.30
N SER B 338 -23.58 -26.35 -6.05
CA SER B 338 -24.55 -27.32 -5.52
C SER B 338 -23.93 -28.70 -5.32
N GLN B 339 -23.05 -29.09 -6.24
CA GLN B 339 -22.40 -30.39 -6.16
C GLN B 339 -21.26 -30.43 -5.13
N TYR B 340 -20.57 -29.31 -4.95
CA TYR B 340 -19.48 -29.24 -4.00
C TYR B 340 -19.92 -28.97 -2.55
N HIS B 341 -21.05 -28.29 -2.38
CA HIS B 341 -21.47 -27.83 -1.05
C HIS B 341 -21.83 -28.96 -0.09
N ASP B 342 -21.04 -29.09 0.96
CA ASP B 342 -21.28 -30.06 2.03
C ASP B 342 -21.14 -29.32 3.36
N PRO B 343 -22.28 -28.96 3.99
CA PRO B 343 -22.28 -28.14 5.22
C PRO B 343 -21.64 -28.79 6.44
N ASP B 344 -21.43 -30.10 6.38
CA ASP B 344 -20.71 -30.84 7.44
C ASP B 344 -19.26 -31.13 7.05
N ASP B 345 -18.83 -30.63 5.90
CA ASP B 345 -17.43 -30.73 5.48
C ASP B 345 -16.86 -29.34 5.16
N GLU B 346 -17.22 -28.36 5.98
CA GLU B 346 -16.77 -26.98 5.79
C GLU B 346 -16.35 -26.40 7.13
N PRO B 347 -15.26 -26.95 7.70
CA PRO B 347 -14.91 -26.72 9.11
C PRO B 347 -14.31 -25.36 9.41
N GLU B 348 -14.60 -24.86 10.61
CA GLU B 348 -13.95 -23.68 11.14
C GLU B 348 -12.63 -24.08 11.81
N SER B 349 -11.90 -23.07 12.29
CA SER B 349 -10.59 -23.29 12.87
C SER B 349 -10.69 -23.58 14.36
N GLU B 350 -9.69 -24.29 14.87
CA GLU B 350 -9.45 -24.34 16.31
C GLU B 350 -8.94 -22.96 16.73
N PRO B 351 -9.22 -22.52 17.97
CA PRO B 351 -8.63 -21.28 18.45
C PRO B 351 -7.12 -21.28 18.24
N TYR B 352 -6.57 -20.11 17.96
CA TYR B 352 -5.16 -19.94 17.64
C TYR B 352 -4.55 -18.95 18.61
N ASP B 353 -3.71 -19.46 19.49
CA ASP B 353 -3.12 -18.68 20.57
C ASP B 353 -2.03 -17.74 20.06
N GLN B 354 -2.39 -16.47 19.93
CA GLN B 354 -1.50 -15.46 19.36
C GLN B 354 -1.09 -14.42 20.39
N SER B 355 -1.18 -14.79 21.67
CA SER B 355 -0.70 -13.97 22.77
C SER B 355 0.71 -13.44 22.52
N PHE B 356 1.49 -14.18 21.74
CA PHE B 356 2.87 -13.81 21.38
C PHE B 356 2.97 -12.50 20.59
N GLU B 357 1.93 -12.19 19.81
CA GLU B 357 1.91 -10.99 18.98
C GLU B 357 2.01 -9.71 19.79
N SER B 358 1.64 -9.80 21.07
CA SER B 358 1.65 -8.66 21.97
C SER B 358 2.84 -8.65 22.93
N ARG B 359 3.78 -9.57 22.71
CA ARG B 359 5.00 -9.63 23.51
C ARG B 359 6.11 -8.84 22.83
N GLN B 360 6.85 -8.08 23.62
CA GLN B 360 8.03 -7.39 23.15
C GLN B 360 9.22 -8.16 23.71
N LEU B 361 9.95 -8.83 22.83
CA LEU B 361 11.04 -9.70 23.26
C LEU B 361 12.28 -9.42 22.44
N GLU B 362 13.44 -9.65 23.03
CA GLU B 362 14.72 -9.53 22.34
C GLU B 362 14.84 -10.68 21.34
N ILE B 363 15.70 -10.50 20.33
CA ILE B 363 15.96 -11.53 19.31
C ILE B 363 16.07 -12.88 19.99
N GLU B 364 17.03 -12.99 20.91
CA GLU B 364 17.38 -14.23 21.57
C GLU B 364 16.19 -14.96 22.23
N GLU B 365 15.18 -14.20 22.63
CA GLU B 365 13.95 -14.78 23.19
C GLU B 365 13.07 -15.45 22.10
N TRP B 366 13.02 -14.84 20.91
CA TRP B 366 12.27 -15.40 19.80
C TRP B 366 12.97 -16.62 19.23
N LYS B 367 14.30 -16.56 19.16
CA LYS B 367 15.14 -17.64 18.65
C LYS B 367 14.97 -18.94 19.45
N ARG B 368 14.76 -18.79 20.77
CA ARG B 368 14.55 -19.91 21.68
C ARG B 368 13.16 -20.53 21.50
N LEU B 369 12.15 -19.66 21.32
CA LEU B 369 10.80 -20.12 21.08
C LEU B 369 10.76 -20.88 19.77
N THR B 370 11.44 -20.32 18.76
CA THR B 370 11.54 -20.95 17.44
C THR B 370 12.21 -22.31 17.53
N TYR B 371 13.39 -22.32 18.16
CA TYR B 371 14.16 -23.54 18.36
C TYR B 371 13.38 -24.60 19.14
N GLU B 372 12.57 -24.16 20.10
CA GLU B 372 11.70 -25.06 20.86
C GLU B 372 10.65 -25.69 19.96
N GLU B 373 10.10 -24.90 19.04
CA GLU B 373 9.10 -25.40 18.10
C GLU B 373 9.68 -26.38 17.07
N VAL B 374 10.88 -26.09 16.59
CA VAL B 374 11.60 -26.96 15.65
C VAL B 374 11.88 -28.36 16.23
N CYS B 375 12.29 -28.40 17.50
CA CYS B 375 12.61 -29.66 18.18
C CYS B 375 11.36 -30.43 18.62
N SER B 376 10.27 -29.71 18.89
CA SER B 376 8.99 -30.31 19.34
C SER B 376 8.22 -30.97 18.20
N PHE B 377 8.48 -30.53 16.97
CA PHE B 377 7.64 -30.87 15.83
C PHE B 377 7.72 -32.33 15.40
N GLU B 378 6.56 -32.94 15.19
CA GLU B 378 6.45 -34.33 14.77
C GLU B 378 5.95 -34.36 13.32
N THR B 379 6.74 -35.01 12.45
CA THR B 379 6.54 -34.93 10.99
C THR B 379 5.54 -35.95 10.43
N PRO B 380 4.36 -35.45 9.96
CA PRO B 380 3.31 -36.30 9.41
C PRO B 380 3.41 -36.50 7.90
C1 1N1 C . 12.85 19.19 -7.31
C2 1N1 C . 12.61 18.06 -7.99
C3 1N1 C . 11.50 17.78 -9.01
N6 1N1 C . 20.95 14.69 -2.08
C7 1N1 C . 7.72 18.29 -12.10
C8 1N1 C . 8.97 18.67 -12.57
C9 1N1 C . 10.03 18.86 -11.68
C10 1N1 C . 11.40 19.28 -12.24
C11 1N1 C . 16.20 16.42 -5.73
C12 1N1 C . 17.33 16.20 -4.93
C13 1N1 C . 17.96 14.95 -4.97
C14 1N1 C . 16.36 14.24 -6.54
C15 1N1 C . 15.80 13.15 -7.45
C16 1N1 C . 18.99 13.62 -3.12
C19 1N1 C . 20.38 15.41 -4.38
C20 1N1 C . 21.78 14.85 -0.86
C21 1N1 C . 21.36 16.05 0.01
N 1N1 C . 15.59 17.61 -5.71
C 1N1 C . 14.52 17.92 -6.46
N1 1N1 C . 13.91 19.11 -6.47
S 1N1 C . 13.72 16.91 -7.55
N2 1N1 C . 10.81 18.83 -9.42
C4 1N1 C . 9.82 18.67 -10.30
C5 1N1 C . 8.55 18.28 -9.84
C6 1N1 C . 7.51 18.09 -10.73
CL 1N1 C . 8.28 18.04 -8.14
O 1N1 C . 11.31 16.62 -9.37
N3 1N1 C . 17.46 13.99 -5.78
N4 1N1 C . 15.76 15.43 -6.51
N5 1N1 C . 19.09 14.67 -4.18
C17 1N1 C . 19.58 14.17 -1.81
C18 1N1 C . 20.96 15.84 -3.02
O1 1N1 C . 22.49 16.53 0.77
C1 1N1 D . -7.45 10.40 -3.44
C2 1N1 D . -7.87 10.86 -2.26
C3 1N1 D . -8.94 11.93 -2.06
N6 1N1 D . -0.59 3.82 1.85
C7 1N1 D . -11.98 15.69 -3.41
C8 1N1 D . -10.83 15.90 -2.66
C9 1N1 D . -9.85 14.90 -2.55
C10 1N1 D . -8.59 15.20 -1.71
C11 1N1 D . -4.90 7.83 -0.58
C12 1N1 D . -4.07 6.74 -0.34
C13 1N1 D . -3.79 6.37 0.98
C14 1N1 D . -5.12 8.16 1.74
C15 1N1 D . -5.71 8.95 2.89
C16 1N1 D . -2.59 4.97 2.69
C19 1N1 D . -2.42 4.39 0.21
C20 1N1 D . 0.89 3.73 1.99
C21 1N1 D . 1.37 2.36 1.46
N 1N1 D . -5.19 8.22 -1.82
C 1N1 D . -6.13 9.13 -2.12
N1 1N1 D . -6.49 9.45 -3.36
S 1N1 D . -7.05 10.07 -1.04
N2 1N1 D . -9.16 12.70 -3.13
C4 1N1 D . -10.05 13.68 -3.20
C5 1N1 D . -11.20 13.47 -3.95
C6 1N1 D . -12.17 14.47 -4.05
CL 1N1 D . -11.48 11.97 -4.77
O 1N1 D . -9.48 12.07 -0.96
N3 1N1 D . -4.33 7.09 1.98
N4 1N1 D . -5.40 8.52 0.48
N5 1N1 D . -2.96 5.27 1.28
C17 1N1 D . -1.06 4.85 2.79
C18 1N1 D . -0.92 4.14 0.44
O1 1N1 D . 2.53 2.55 0.63
C1 1N1 E . 4.58 -23.70 -2.38
C2 1N1 E . 5.47 -22.73 -2.06
C3 1N1 E . 5.89 -22.25 -0.67
N6 1N1 E . 6.17 -21.02 -12.88
C7 1N1 E . 6.55 -21.97 4.20
C8 1N1 E . 7.34 -22.90 3.52
C9 1N1 E . 7.00 -23.26 2.21
C10 1N1 E . 7.90 -24.28 1.50
C11 1N1 E . 5.82 -22.12 -6.56
C12 1N1 E . 5.80 -22.15 -7.97
C13 1N1 E . 6.44 -21.14 -8.68
C14 1N1 E . 7.07 -20.14 -6.65
C15 1N1 E . 7.78 -19.01 -5.90
C16 1N1 E . 5.73 -19.94 -10.72
C19 1N1 E . 7.22 -22.09 -10.91
C20 1N1 E . 5.91 -21.00 -14.35
C21 1N1 E . 4.76 -21.93 -14.79
N 1N1 E . 5.22 -23.06 -5.83
C 1N1 E . 5.19 -23.07 -4.48
N1 1N1 E . 4.44 -23.89 -3.72
S 1N1 E . 6.08 -22.08 -3.44
N2 1N1 E . 5.55 -23.04 0.35
C4 1N1 E . 5.89 -22.69 1.60
C5 1N1 E . 5.10 -21.76 2.29
C6 1N1 E . 5.43 -21.41 3.58
CL 1N1 E . 3.70 -21.05 1.55
O 1N1 E . 6.52 -21.21 -0.54
N3 1N1 E . 7.06 -20.16 -8.00
N4 1N1 E . 6.46 -21.10 -5.96
N5 1N1 E . 6.46 -21.08 -10.09
C17 1N1 E . 5.13 -20.34 -12.08
C18 1N1 E . 6.57 -22.31 -12.30
O1 1N1 E . 4.64 -21.92 -16.23
C1 1N1 F . -4.41 -7.23 10.18
C2 1N1 F . -5.73 -7.32 9.94
C3 1N1 F . -6.79 -7.86 10.90
N6 1N1 F . -3.11 -2.89 0.36
C7 1N1 F . -8.58 -10.34 14.84
C8 1N1 F . -8.75 -10.78 13.53
C9 1N1 F . -7.99 -10.23 12.48
C10 1N1 F . -8.21 -10.75 11.05
C11 1N1 F . -4.65 -5.41 5.98
C12 1N1 F . -4.04 -4.67 4.98
C13 1N1 F . -4.82 -4.19 3.93
C14 1N1 F . -6.70 -5.17 4.92
C15 1N1 F . -8.20 -5.45 4.91
C16 1N1 F . -2.77 -3.32 2.79
C19 1N1 F . -5.05 -2.63 1.95
C20 1N1 F . -2.81 -3.48 -0.96
C21 1N1 F . -1.42 -3.03 -1.43
N 1N1 F . -3.90 -5.88 6.98
C 1N1 F . -4.41 -6.40 8.09
N1 1N1 F . -3.69 -6.73 9.16
S 1N1 F . -6.03 -6.74 8.41
N2 1N1 F . -6.30 -8.66 11.84
C4 1N1 F . -7.06 -9.22 12.77
C5 1N1 F . -6.89 -8.79 14.09
C6 1N1 F . -7.64 -9.35 15.13
CL 1N1 F . -5.74 -7.55 14.45
O 1N1 F . -7.98 -7.56 10.76
N3 1N1 F . -6.14 -4.44 3.93
N4 1N1 F . -5.96 -5.64 5.92
N5 1N1 F . -4.23 -3.42 2.91
C17 1N1 F . -2.37 -3.70 1.37
C18 1N1 F . -4.60 -2.96 0.52
O1 1N1 F . -1.09 -3.80 -2.59
S SO4 G . -3.87 -7.22 -0.63
O1 SO4 G . -2.79 -7.55 0.31
O2 SO4 G . -3.30 -6.75 -1.89
O3 SO4 G . -4.69 -8.39 -0.91
O4 SO4 G . -4.70 -6.17 -0.04
S SO4 H . -1.54 -23.68 18.22
O1 SO4 H . -0.88 -23.80 19.51
O2 SO4 H . -0.72 -22.84 17.34
O3 SO4 H . -1.71 -25.00 17.60
O4 SO4 H . -2.84 -23.04 18.43
#